data_3QV8
#
_entry.id   3QV8
#
_cell.length_a   120.554
_cell.length_b   131.282
_cell.length_c   167.602
_cell.angle_alpha   90.00
_cell.angle_beta   90.00
_cell.angle_gamma   90.00
#
_symmetry.space_group_name_H-M   'I 2 2 2'
#
loop_
_entity.id
_entity.type
_entity.pdbx_description
1 polymer 'Pyruvate kinase'
2 non-polymer '1,3-benzothiazole-2,5-disulfonic acid'
3 non-polymer 'PHOSPHATE ION'
4 water water
#
_entity_poly.entity_id   1
_entity_poly.type   'polypeptide(L)'
_entity_poly.pdbx_seq_one_letter_code
;MSQLAHNLTLSIFDPVANYRAARIICTIGPSTQSVEALKGLIQSGMSVARMNFSHGSHEYHQTTINNVRQAAAELGVNIA
IALDTKGPEIRTGQFVGGDAVMERGATCYVTTDPAFADKGTKDKFYIDYQNLSKVVRPGNYIYIDDGILILQVQSHEDEQ
TLECTVTNSHTISDRRGVNLPGCDVDLPAVSAKDRVDLQFGVEQGVDMIFASFIRSAEQVGDVRKALGPKGRDIMIICKI
ENHQGVQNIDSIIEESDGIMVARGDLGVEIPAEKVVVAQKILISKCNVAGKPVICATQMLESMTYNPRPTRAEVSDVANA
VFNGADCVMLSGETAKGKYPNEVVQYMARICLEAQSALNEYVFFNSIKKLQHIPMSADEAVCSSAVNSVYETKAKAMVVL
SNTGRSARLVAKYRPNCPIVCVTTRLQTCRQLNITQGVESVFFDADKLGHDEGKEHRVAAGVEFAKSKGYVQTGDYCVVI
HADHKVKGYANQTRILLVE
;
_entity_poly.pdbx_strand_id   D,A
#
# COMPACT_ATOMS: atom_id res chain seq x y z
N SER A 2 5.98 16.75 -0.63
CA SER A 2 4.98 17.47 -1.47
C SER A 2 3.72 16.72 -1.97
N GLN A 3 3.67 15.39 -1.82
CA GLN A 3 2.37 14.74 -1.69
C GLN A 3 1.78 15.20 -0.34
N LEU A 4 2.64 15.26 0.66
CA LEU A 4 2.26 15.72 1.98
C LEU A 4 1.64 17.11 1.91
N ALA A 5 2.32 18.04 1.22
CA ALA A 5 1.85 19.42 1.08
C ALA A 5 0.52 19.45 0.38
N HIS A 6 0.45 18.79 -0.76
CA HIS A 6 -0.79 18.64 -1.50
C HIS A 6 -1.93 18.11 -0.61
N ASN A 7 -1.62 17.18 0.31
CA ASN A 7 -2.63 16.68 1.25
C ASN A 7 -3.20 17.79 2.13
N LEU A 8 -2.36 18.75 2.51
CA LEU A 8 -2.77 19.86 3.39
C LEU A 8 -3.90 20.71 2.79
N THR A 9 -3.93 20.81 1.47
CA THR A 9 -4.84 21.71 0.77
C THR A 9 -6.12 21.02 0.31
N LEU A 10 -6.23 19.72 0.58
CA LEU A 10 -7.37 18.95 0.08
C LEU A 10 -8.61 19.17 0.94
N SER A 11 -9.75 19.12 0.27
CA SER A 11 -11.04 19.11 0.95
C SER A 11 -11.91 18.05 0.33
N ILE A 12 -12.36 17.11 1.15
CA ILE A 12 -13.13 15.97 0.63
C ILE A 12 -14.52 16.32 0.09
N PHE A 13 -14.97 17.55 0.33
CA PHE A 13 -16.28 18.00 -0.17
C PHE A 13 -16.23 18.69 -1.53
N ASP A 14 -15.06 19.24 -1.87
CA ASP A 14 -14.76 19.79 -3.21
C ASP A 14 -15.01 18.76 -4.32
N PRO A 15 -15.31 19.23 -5.55
CA PRO A 15 -15.74 18.27 -6.58
C PRO A 15 -14.59 17.45 -7.11
N VAL A 16 -14.87 16.20 -7.46
CA VAL A 16 -13.83 15.33 -8.01
C VAL A 16 -13.51 15.73 -9.44
N ALA A 17 -12.40 15.23 -9.95
CA ALA A 17 -11.97 15.55 -11.30
C ALA A 17 -13.04 15.16 -12.31
N ASN A 18 -13.02 15.82 -13.46
CA ASN A 18 -13.91 15.49 -14.57
C ASN A 18 -13.33 14.39 -15.45
N TYR A 19 -12.28 13.73 -14.94
CA TYR A 19 -11.64 12.66 -15.70
CA TYR A 19 -11.53 12.74 -15.70
C TYR A 19 -10.98 11.62 -14.81
N ARG A 20 -11.06 10.37 -15.28
CA ARG A 20 -10.47 9.22 -14.60
C ARG A 20 -9.26 8.73 -15.40
N ALA A 21 -8.08 8.85 -14.82
CA ALA A 21 -6.85 8.41 -15.48
C ALA A 21 -6.65 6.89 -15.45
N ALA A 22 -7.08 6.23 -14.36
CA ALA A 22 -6.85 4.79 -14.18
C ALA A 22 -7.73 3.95 -15.09
N ARG A 23 -7.20 2.83 -15.58
CA ARG A 23 -7.98 1.97 -16.46
C ARG A 23 -8.40 0.64 -15.81
N ILE A 24 -9.55 0.12 -16.24
CA ILE A 24 -10.18 -1.01 -15.57
C ILE A 24 -10.25 -2.21 -16.48
N ILE A 25 -9.71 -3.33 -15.97
CA ILE A 25 -9.68 -4.61 -16.65
C ILE A 25 -10.68 -5.58 -16.00
N CYS A 26 -11.61 -6.09 -16.80
CA CYS A 26 -12.62 -7.03 -16.28
C CYS A 26 -12.46 -8.42 -16.86
N THR A 27 -12.46 -9.41 -15.98
CA THR A 27 -12.45 -10.79 -16.44
C THR A 27 -13.89 -11.17 -16.80
N ILE A 28 -14.03 -11.77 -17.98
CA ILE A 28 -15.31 -12.17 -18.51
C ILE A 28 -15.60 -13.64 -18.19
N GLY A 29 -16.80 -13.87 -17.68
CA GLY A 29 -17.33 -15.24 -17.50
C GLY A 29 -18.85 -15.26 -17.42
N PRO A 30 -19.40 -16.39 -16.94
CA PRO A 30 -20.85 -16.62 -16.86
C PRO A 30 -21.66 -15.34 -16.67
N SER A 31 -21.31 -14.54 -15.67
CA SER A 31 -22.09 -13.34 -15.30
C SER A 31 -22.11 -12.22 -16.35
N THR A 32 -21.20 -12.28 -17.33
CA THR A 32 -20.93 -11.12 -18.18
C THR A 32 -20.61 -11.43 -19.65
N GLN A 33 -20.75 -12.68 -20.08
CA GLN A 33 -20.39 -13.05 -21.47
C GLN A 33 -21.40 -12.61 -22.56
N SER A 34 -22.63 -12.29 -22.16
CA SER A 34 -23.66 -11.84 -23.10
C SER A 34 -23.41 -10.40 -23.57
N VAL A 35 -23.71 -10.12 -24.84
CA VAL A 35 -23.54 -8.79 -25.42
C VAL A 35 -24.19 -7.67 -24.59
N GLU A 36 -25.33 -7.95 -23.98
CA GLU A 36 -26.03 -6.94 -23.15
C GLU A 36 -25.36 -6.71 -21.79
N ALA A 37 -24.56 -7.67 -21.35
CA ALA A 37 -23.86 -7.55 -20.07
C ALA A 37 -22.51 -6.87 -20.28
N LEU A 38 -21.81 -7.28 -21.34
CA LEU A 38 -20.60 -6.61 -21.80
C LEU A 38 -20.86 -5.13 -22.07
N LYS A 39 -22.06 -4.83 -22.57
CA LYS A 39 -22.50 -3.46 -22.78
C LYS A 39 -22.63 -2.70 -21.46
N GLY A 40 -23.22 -3.32 -20.44
CA GLY A 40 -23.38 -2.67 -19.14
C GLY A 40 -22.05 -2.54 -18.41
N LEU A 41 -21.08 -3.34 -18.84
CA LEU A 41 -19.76 -3.35 -18.28
C LEU A 41 -18.93 -2.20 -18.85
N ILE A 42 -19.01 -2.01 -20.17
CA ILE A 42 -18.40 -0.85 -20.82
C ILE A 42 -18.91 0.46 -20.20
N GLN A 43 -20.23 0.61 -20.11
CA GLN A 43 -20.82 1.81 -19.55
C GLN A 43 -20.45 2.03 -18.10
N SER A 44 -20.14 0.95 -17.40
CA SER A 44 -19.72 1.05 -16.02
C SER A 44 -18.24 1.48 -15.95
N GLY A 45 -17.49 1.17 -17.00
CA GLY A 45 -16.13 1.67 -17.14
C GLY A 45 -15.09 0.66 -17.58
N MET A 46 -15.50 -0.46 -18.15
CA MET A 46 -14.54 -1.45 -18.62
C MET A 46 -13.79 -0.91 -19.83
N SER A 47 -12.45 -1.03 -19.81
CA SER A 47 -11.61 -0.67 -20.96
C SER A 47 -10.98 -1.93 -21.55
N VAL A 48 -10.76 -2.93 -20.71
CA VAL A 48 -10.11 -4.16 -21.15
C VAL A 48 -10.92 -5.37 -20.72
N ALA A 49 -11.09 -6.29 -21.66
CA ALA A 49 -11.79 -7.54 -21.43
C ALA A 49 -10.79 -8.68 -21.38
N ARG A 50 -10.69 -9.31 -20.21
CA ARG A 50 -9.75 -10.40 -19.98
C ARG A 50 -10.45 -11.76 -20.04
N MET A 51 -9.87 -12.65 -20.87
CA MET A 51 -10.32 -14.02 -20.95
C MET A 51 -9.29 -14.89 -20.22
N ASN A 52 -9.79 -15.65 -19.26
CA ASN A 52 -8.94 -16.52 -18.47
C ASN A 52 -8.88 -17.92 -19.07
N PHE A 53 -7.86 -18.18 -19.87
CA PHE A 53 -7.62 -19.49 -20.47
C PHE A 53 -7.18 -20.57 -19.47
N SER A 54 -7.42 -20.33 -18.18
CA SER A 54 -7.30 -21.39 -17.17
C SER A 54 -8.50 -22.30 -17.30
N HIS A 55 -9.64 -21.69 -17.63
CA HIS A 55 -10.90 -22.37 -17.82
C HIS A 55 -11.37 -22.19 -19.27
N GLY A 56 -12.53 -22.74 -19.61
CA GLY A 56 -13.13 -22.59 -20.96
C GLY A 56 -12.34 -23.20 -22.11
N SER A 57 -13.05 -23.55 -23.18
CA SER A 57 -12.43 -24.05 -24.41
C SER A 57 -12.32 -22.88 -25.40
N HIS A 58 -11.57 -23.08 -26.49
CA HIS A 58 -11.44 -22.06 -27.54
C HIS A 58 -12.80 -21.57 -27.98
N GLU A 59 -13.76 -22.50 -27.99
CA GLU A 59 -15.16 -22.27 -28.32
C GLU A 59 -15.80 -21.22 -27.41
N TYR A 60 -15.51 -21.30 -26.11
CA TYR A 60 -16.11 -20.38 -25.12
C TYR A 60 -15.56 -18.97 -25.31
N HIS A 61 -14.28 -18.89 -25.63
CA HIS A 61 -13.57 -17.62 -25.73
C HIS A 61 -13.86 -16.92 -27.04
N GLN A 62 -14.01 -17.73 -28.10
CA GLN A 62 -14.48 -17.24 -29.39
C GLN A 62 -15.78 -16.47 -29.25
N THR A 63 -16.60 -16.88 -28.30
CA THR A 63 -17.86 -16.23 -28.03
C THR A 63 -17.59 -14.91 -27.31
N THR A 64 -16.72 -14.96 -26.31
CA THR A 64 -16.29 -13.75 -25.59
C THR A 64 -15.73 -12.73 -26.60
N ILE A 65 -14.75 -13.14 -27.41
CA ILE A 65 -14.25 -12.29 -28.48
C ILE A 65 -15.39 -11.62 -29.28
N ASN A 66 -16.26 -12.44 -29.89
CA ASN A 66 -17.35 -11.95 -30.74
C ASN A 66 -18.25 -11.03 -29.96
N ASN A 67 -18.64 -11.44 -28.76
CA ASN A 67 -19.51 -10.66 -27.91
C ASN A 67 -18.89 -9.31 -27.49
N VAL A 68 -17.56 -9.31 -27.31
CA VAL A 68 -16.82 -8.10 -27.03
C VAL A 68 -16.81 -7.20 -28.26
N ARG A 69 -16.26 -7.70 -29.36
CA ARG A 69 -16.18 -6.93 -30.62
C ARG A 69 -17.54 -6.35 -31.04
N GLN A 70 -18.63 -7.09 -30.81
CA GLN A 70 -19.98 -6.60 -31.12
C GLN A 70 -20.52 -5.59 -30.10
N ALA A 71 -20.22 -5.80 -28.82
CA ALA A 71 -20.56 -4.81 -27.81
C ALA A 71 -19.85 -3.48 -28.07
N ALA A 72 -18.54 -3.55 -28.30
CA ALA A 72 -17.72 -2.36 -28.57
C ALA A 72 -18.23 -1.60 -29.79
N ALA A 73 -18.38 -2.31 -30.91
CA ALA A 73 -18.81 -1.72 -32.17
C ALA A 73 -20.22 -1.12 -32.11
N GLU A 74 -21.07 -1.64 -31.22
CA GLU A 74 -22.41 -1.09 -31.05
C GLU A 74 -22.36 0.21 -30.29
N LEU A 75 -21.39 0.32 -29.41
CA LEU A 75 -21.24 1.52 -28.59
C LEU A 75 -20.27 2.55 -29.20
N GLY A 76 -19.63 2.16 -30.30
CA GLY A 76 -18.74 3.03 -31.07
C GLY A 76 -17.35 3.20 -30.48
N VAL A 77 -17.05 2.42 -29.44
CA VAL A 77 -15.82 2.54 -28.65
C VAL A 77 -14.80 1.47 -29.09
N ASN A 78 -13.57 1.56 -28.59
CA ASN A 78 -12.57 0.51 -28.81
C ASN A 78 -12.18 -0.13 -27.47
N ILE A 79 -12.27 -1.46 -27.41
CA ILE A 79 -12.03 -2.18 -26.15
C ILE A 79 -10.95 -3.23 -26.39
N ALA A 80 -9.98 -3.29 -25.49
CA ALA A 80 -8.88 -4.23 -25.62
C ALA A 80 -9.31 -5.66 -25.29
N ILE A 81 -8.77 -6.62 -26.02
CA ILE A 81 -8.98 -8.02 -25.71
C ILE A 81 -7.69 -8.65 -25.25
N ALA A 82 -7.72 -9.14 -24.01
CA ALA A 82 -6.55 -9.74 -23.39
C ALA A 82 -6.71 -11.24 -23.17
N LEU A 83 -5.68 -11.99 -23.53
CA LEU A 83 -5.62 -13.42 -23.28
C LEU A 83 -4.69 -13.73 -22.09
N ASP A 84 -5.29 -14.16 -20.98
CA ASP A 84 -4.52 -14.57 -19.81
C ASP A 84 -4.25 -16.09 -19.85
N THR A 85 -2.99 -16.46 -20.02
CA THR A 85 -2.64 -17.89 -20.20
C THR A 85 -2.83 -18.74 -18.93
N LYS A 86 -2.92 -20.06 -19.13
CA LYS A 86 -2.99 -20.99 -18.02
C LYS A 86 -1.60 -21.09 -17.41
N GLY A 87 -0.59 -21.26 -18.25
CA GLY A 87 0.78 -21.38 -17.79
C GLY A 87 1.15 -22.77 -17.28
N PRO A 88 2.46 -22.98 -16.98
CA PRO A 88 2.92 -24.23 -16.37
C PRO A 88 2.34 -24.41 -14.97
N GLU A 89 1.96 -25.63 -14.62
CA GLU A 89 1.51 -25.95 -13.27
C GLU A 89 2.29 -27.10 -12.65
N ILE A 90 2.64 -26.96 -11.36
CA ILE A 90 3.06 -28.10 -10.56
C ILE A 90 1.85 -28.60 -9.78
N ARG A 91 1.48 -29.86 -10.03
CA ARG A 91 0.38 -30.51 -9.33
C ARG A 91 0.73 -31.88 -8.75
N THR A 92 -0.08 -32.33 -7.78
CA THR A 92 0.01 -33.69 -7.27
C THR A 92 -0.60 -34.65 -8.28
N GLY A 93 -0.52 -35.95 -7.98
CA GLY A 93 -1.21 -36.98 -8.77
C GLY A 93 -2.53 -37.32 -8.11
N GLN A 94 -2.95 -38.58 -8.29
CA GLN A 94 -4.20 -39.05 -7.72
C GLN A 94 -3.96 -39.77 -6.39
N PHE A 95 -4.99 -39.76 -5.53
CA PHE A 95 -4.97 -40.53 -4.29
C PHE A 95 -6.00 -41.66 -4.31
N VAL A 96 -5.67 -42.77 -3.63
CA VAL A 96 -6.60 -43.87 -3.38
C VAL A 96 -7.81 -43.34 -2.61
N GLY A 97 -9.00 -43.54 -3.19
CA GLY A 97 -10.25 -42.99 -2.67
C GLY A 97 -10.36 -41.49 -2.81
N GLY A 98 -9.72 -40.95 -3.85
CA GLY A 98 -9.67 -39.52 -4.12
C GLY A 98 -9.18 -38.64 -2.98
N ASP A 99 -8.52 -39.24 -1.97
CA ASP A 99 -8.27 -38.54 -0.72
C ASP A 99 -7.11 -39.12 0.11
N ALA A 100 -6.48 -38.26 0.93
CA ALA A 100 -5.39 -38.67 1.82
C ALA A 100 -5.24 -37.73 3.04
N VAL A 101 -5.59 -38.24 4.21
CA VAL A 101 -5.64 -37.42 5.43
C VAL A 101 -4.25 -37.20 6.02
N MET A 102 -3.66 -36.05 5.72
CA MET A 102 -2.32 -35.72 6.20
C MET A 102 -2.36 -35.13 7.60
N GLU A 103 -1.75 -35.86 8.54
CA GLU A 103 -1.77 -35.45 9.94
C GLU A 103 -0.43 -34.88 10.35
N ARG A 104 -0.45 -33.85 11.18
CA ARG A 104 0.76 -33.17 11.65
C ARG A 104 1.66 -34.11 12.44
N GLY A 105 2.95 -34.10 12.13
CA GLY A 105 3.92 -35.00 12.78
C GLY A 105 4.27 -36.23 11.96
N ALA A 106 3.28 -36.73 11.21
CA ALA A 106 3.45 -37.86 10.28
C ALA A 106 4.53 -37.64 9.21
N THR A 107 5.13 -38.74 8.75
CA THR A 107 6.09 -38.70 7.65
C THR A 107 5.45 -39.17 6.34
N CYS A 108 5.87 -38.57 5.24
CA CYS A 108 5.37 -38.92 3.91
C CYS A 108 6.50 -38.82 2.89
N TYR A 109 6.24 -39.37 1.71
CA TYR A 109 7.23 -39.41 0.64
C TYR A 109 6.62 -38.84 -0.62
N VAL A 110 7.26 -37.81 -1.17
CA VAL A 110 6.84 -37.29 -2.46
C VAL A 110 7.83 -37.76 -3.50
N THR A 111 7.29 -38.18 -4.65
CA THR A 111 8.07 -38.82 -5.68
C THR A 111 7.75 -38.26 -7.06
N THR A 112 8.77 -38.21 -7.91
CA THR A 112 8.58 -37.82 -9.29
C THR A 112 8.43 -39.06 -10.18
N ASP A 113 8.48 -40.24 -9.54
CA ASP A 113 8.28 -41.53 -10.19
C ASP A 113 6.87 -41.64 -10.77
N PRO A 114 6.76 -41.66 -12.11
CA PRO A 114 5.47 -41.59 -12.83
C PRO A 114 4.52 -42.75 -12.51
N ALA A 115 5.09 -43.89 -12.10
CA ALA A 115 4.31 -45.06 -11.74
C ALA A 115 3.31 -44.76 -10.63
N PHE A 116 3.65 -43.81 -9.76
CA PHE A 116 2.81 -43.47 -8.62
C PHE A 116 1.72 -42.43 -8.91
N ALA A 117 1.52 -42.13 -10.19
CA ALA A 117 0.59 -41.08 -10.64
C ALA A 117 -0.83 -41.26 -10.13
N ASP A 118 -1.34 -42.49 -10.17
CA ASP A 118 -2.72 -42.79 -9.75
C ASP A 118 -2.85 -43.36 -8.34
N LYS A 119 -1.82 -44.04 -7.86
CA LYS A 119 -1.88 -44.75 -6.56
C LYS A 119 -1.20 -44.00 -5.41
N GLY A 120 -1.65 -42.77 -5.17
CA GLY A 120 -1.09 -41.99 -4.07
C GLY A 120 -1.74 -42.32 -2.75
N THR A 121 -0.94 -42.28 -1.68
CA THR A 121 -1.46 -42.52 -0.34
C THR A 121 -0.95 -41.42 0.57
N LYS A 122 -1.54 -41.31 1.76
CA LYS A 122 -1.00 -40.43 2.81
C LYS A 122 0.52 -40.61 3.01
N ASP A 123 1.04 -41.77 2.59
CA ASP A 123 2.42 -42.19 2.85
C ASP A 123 3.38 -41.87 1.71
N LYS A 124 2.97 -42.15 0.47
CA LYS A 124 3.78 -41.82 -0.68
C LYS A 124 2.86 -41.46 -1.85
N PHE A 125 3.06 -40.27 -2.43
CA PHE A 125 2.28 -39.81 -3.58
C PHE A 125 3.13 -39.06 -4.62
N TYR A 126 2.51 -38.80 -5.76
CA TYR A 126 3.18 -38.23 -6.93
C TYR A 126 3.04 -36.71 -6.98
N ILE A 127 4.12 -36.05 -7.39
CA ILE A 127 4.09 -34.64 -7.77
C ILE A 127 4.72 -34.59 -9.16
N ASP A 128 4.05 -33.91 -10.09
CA ASP A 128 4.34 -34.05 -11.54
C ASP A 128 5.49 -33.21 -12.11
N TYR A 129 6.36 -32.69 -11.26
CA TYR A 129 7.47 -31.86 -11.73
C TYR A 129 8.80 -32.60 -11.64
N GLN A 130 9.25 -33.08 -12.80
CA GLN A 130 10.42 -33.96 -12.88
C GLN A 130 11.66 -33.49 -12.14
N ASN A 131 11.91 -32.18 -12.12
CA ASN A 131 13.09 -31.60 -11.47
C ASN A 131 12.98 -31.36 -9.96
N LEU A 132 11.86 -31.75 -9.36
CA LEU A 132 11.62 -31.48 -7.94
C LEU A 132 12.83 -31.77 -7.04
N SER A 133 13.34 -33.01 -7.08
CA SER A 133 14.49 -33.43 -6.26
C SER A 133 15.75 -32.59 -6.52
N LYS A 134 15.97 -32.26 -7.80
CA LYS A 134 17.17 -31.55 -8.23
C LYS A 134 17.18 -30.08 -7.80
N VAL A 135 16.03 -29.59 -7.36
CA VAL A 135 15.83 -28.16 -7.10
C VAL A 135 15.50 -27.89 -5.63
N VAL A 136 14.90 -28.87 -4.97
CA VAL A 136 14.62 -28.77 -3.54
C VAL A 136 15.84 -29.29 -2.79
N ARG A 137 16.11 -28.70 -1.62
CA ARG A 137 17.10 -29.25 -0.71
C ARG A 137 16.60 -29.27 0.75
N PRO A 138 17.21 -30.10 1.62
CA PRO A 138 16.74 -30.28 3.00
C PRO A 138 16.59 -28.96 3.78
N GLY A 139 15.42 -28.78 4.39
CA GLY A 139 15.06 -27.51 5.05
C GLY A 139 13.98 -26.74 4.31
N ASN A 140 14.02 -26.77 2.97
CA ASN A 140 13.01 -26.12 2.12
C ASN A 140 11.58 -26.61 2.41
N TYR A 141 10.58 -25.86 1.96
CA TYR A 141 9.19 -26.23 2.17
C TYR A 141 8.50 -26.57 0.86
N ILE A 142 7.41 -27.35 0.95
CA ILE A 142 6.54 -27.61 -0.18
C ILE A 142 5.13 -27.24 0.25
N TYR A 143 4.49 -26.37 -0.52
CA TYR A 143 3.12 -25.96 -0.27
C TYR A 143 2.21 -26.75 -1.19
N ILE A 144 1.18 -27.35 -0.62
CA ILE A 144 0.21 -28.09 -1.43
C ILE A 144 -1.15 -27.55 -1.09
N ASP A 145 -1.96 -27.36 -2.13
CA ASP A 145 -3.32 -26.82 -1.99
C ASP A 145 -3.28 -25.36 -1.53
N ASP A 146 -2.94 -24.48 -2.46
CA ASP A 146 -2.93 -23.02 -2.26
C ASP A 146 -2.20 -22.59 -0.98
N GLY A 147 -1.10 -23.28 -0.68
CA GLY A 147 -0.26 -22.95 0.48
C GLY A 147 -0.72 -23.46 1.84
N ILE A 148 -1.90 -24.07 1.87
CA ILE A 148 -2.52 -24.54 3.11
C ILE A 148 -1.71 -25.67 3.77
N LEU A 149 -1.46 -26.74 3.04
CA LEU A 149 -0.61 -27.82 3.54
C LEU A 149 0.86 -27.46 3.36
N ILE A 150 1.60 -27.46 4.47
CA ILE A 150 3.03 -27.20 4.41
C ILE A 150 3.79 -28.47 4.80
N LEU A 151 4.55 -29.01 3.84
CA LEU A 151 5.44 -30.13 4.10
C LEU A 151 6.87 -29.60 4.15
N GLN A 152 7.64 -30.06 5.12
CA GLN A 152 9.06 -29.70 5.20
C GLN A 152 9.94 -30.85 4.71
N VAL A 153 10.92 -30.52 3.87
CA VAL A 153 11.81 -31.50 3.27
C VAL A 153 12.93 -31.90 4.24
N GLN A 154 12.97 -33.20 4.57
CA GLN A 154 13.97 -33.74 5.49
C GLN A 154 15.21 -34.24 4.75
N SER A 155 15.00 -35.08 3.73
CA SER A 155 16.09 -35.68 2.98
C SER A 155 15.60 -36.32 1.67
N HIS A 156 16.55 -36.80 0.87
CA HIS A 156 16.26 -37.53 -0.36
C HIS A 156 16.23 -39.02 -0.05
N GLU A 157 15.07 -39.66 -0.25
CA GLU A 157 14.98 -41.12 -0.12
C GLU A 157 15.78 -41.78 -1.25
N ASP A 158 15.62 -41.26 -2.46
CA ASP A 158 16.52 -41.57 -3.58
C ASP A 158 16.64 -40.31 -4.45
N GLU A 159 16.92 -40.47 -5.73
CA GLU A 159 17.04 -39.32 -6.62
C GLU A 159 15.70 -38.84 -7.20
N GLN A 160 14.61 -39.50 -6.78
CA GLN A 160 13.27 -39.31 -7.32
C GLN A 160 12.24 -39.11 -6.21
N THR A 161 12.68 -39.26 -4.97
CA THR A 161 11.76 -39.33 -3.84
C THR A 161 12.30 -38.54 -2.65
N LEU A 162 11.43 -37.70 -2.09
CA LEU A 162 11.80 -36.87 -0.97
C LEU A 162 11.06 -37.35 0.26
N GLU A 163 11.79 -37.43 1.37
CA GLU A 163 11.22 -37.75 2.66
C GLU A 163 10.77 -36.44 3.28
N CYS A 164 9.50 -36.39 3.72
CA CYS A 164 8.94 -35.16 4.25
C CYS A 164 8.23 -35.34 5.59
N THR A 165 8.44 -34.36 6.48
CA THR A 165 7.62 -34.19 7.67
C THR A 165 6.38 -33.39 7.29
N VAL A 166 5.21 -33.86 7.73
CA VAL A 166 4.00 -33.04 7.64
C VAL A 166 4.00 -32.05 8.81
N THR A 167 4.01 -30.75 8.51
CA THR A 167 4.11 -29.70 9.56
C THR A 167 2.75 -29.21 10.08
N ASN A 168 1.67 -29.52 9.36
CA ASN A 168 0.34 -29.14 9.80
C ASN A 168 -0.75 -30.01 9.19
N SER A 169 -1.80 -30.27 9.96
CA SER A 169 -2.90 -31.11 9.49
C SER A 169 -3.76 -30.41 8.44
N HIS A 170 -4.13 -31.17 7.41
CA HIS A 170 -5.01 -30.73 6.34
C HIS A 170 -5.27 -31.93 5.45
N THR A 171 -6.53 -32.20 5.15
CA THR A 171 -6.86 -33.22 4.17
C THR A 171 -6.65 -32.64 2.77
N ILE A 172 -6.02 -33.42 1.90
CA ILE A 172 -5.87 -33.05 0.49
C ILE A 172 -6.45 -34.10 -0.45
N SER A 173 -7.03 -33.66 -1.55
CA SER A 173 -7.65 -34.55 -2.54
C SER A 173 -6.86 -34.59 -3.85
N ASP A 174 -7.45 -35.22 -4.87
CA ASP A 174 -6.88 -35.31 -6.22
C ASP A 174 -6.33 -34.00 -6.79
N ARG A 175 -5.19 -34.10 -7.48
CA ARG A 175 -4.62 -33.01 -8.30
C ARG A 175 -4.68 -31.62 -7.66
N ARG A 176 -3.95 -31.45 -6.55
CA ARG A 176 -3.80 -30.15 -5.91
C ARG A 176 -2.55 -29.43 -6.41
N GLY A 177 -2.61 -28.10 -6.45
CA GLY A 177 -1.49 -27.30 -6.94
C GLY A 177 -0.41 -27.24 -5.89
N VAL A 178 0.83 -27.11 -6.33
CA VAL A 178 1.95 -27.04 -5.41
C VAL A 178 2.91 -25.88 -5.69
N ASN A 179 3.47 -25.33 -4.62
CA ASN A 179 4.37 -24.18 -4.70
C ASN A 179 5.66 -24.41 -3.91
N LEU A 180 6.76 -23.89 -4.44
CA LEU A 180 8.08 -24.10 -3.85
C LEU A 180 8.75 -22.76 -3.46
N PRO A 181 8.40 -22.23 -2.27
CA PRO A 181 8.64 -20.83 -1.87
C PRO A 181 10.09 -20.39 -1.94
N GLY A 182 11.02 -21.30 -1.67
CA GLY A 182 12.43 -20.95 -1.66
C GLY A 182 13.17 -21.69 -2.76
N CYS A 183 12.46 -21.99 -3.86
CA CYS A 183 13.06 -22.78 -4.94
C CYS A 183 12.94 -22.12 -6.30
N ASP A 184 14.02 -22.18 -7.06
CA ASP A 184 14.06 -21.67 -8.43
C ASP A 184 13.49 -22.71 -9.41
N VAL A 185 12.19 -22.64 -9.66
CA VAL A 185 11.49 -23.56 -10.56
C VAL A 185 11.88 -23.31 -12.01
N ASP A 186 12.29 -24.36 -12.73
CA ASP A 186 12.79 -24.21 -14.10
C ASP A 186 11.89 -24.84 -15.16
N LEU A 187 10.60 -24.96 -14.84
CA LEU A 187 9.60 -25.32 -15.85
C LEU A 187 9.81 -24.42 -17.06
N PRO A 188 9.46 -24.90 -18.27
CA PRO A 188 9.55 -24.01 -19.43
C PRO A 188 8.61 -22.81 -19.28
N ALA A 189 8.77 -21.81 -20.15
CA ALA A 189 7.95 -20.60 -20.10
C ALA A 189 6.51 -20.86 -20.47
N VAL A 190 6.29 -21.53 -21.59
CA VAL A 190 4.94 -21.89 -22.04
C VAL A 190 4.68 -23.40 -22.00
N SER A 191 3.50 -23.78 -21.53
CA SER A 191 3.05 -25.17 -21.59
C SER A 191 2.60 -25.48 -23.02
N ALA A 192 2.49 -26.79 -23.31
CA ALA A 192 2.08 -27.27 -24.62
C ALA A 192 0.73 -26.69 -25.00
N LYS A 193 -0.16 -26.63 -24.01
CA LYS A 193 -1.47 -26.01 -24.18
C LYS A 193 -1.35 -24.53 -24.55
N ASP A 194 -0.58 -23.77 -23.77
CA ASP A 194 -0.35 -22.33 -24.02
C ASP A 194 0.00 -22.09 -25.47
N ARG A 195 0.99 -22.84 -25.95
CA ARG A 195 1.48 -22.78 -27.33
C ARG A 195 0.32 -22.84 -28.33
N VAL A 196 -0.70 -23.63 -28.01
CA VAL A 196 -1.90 -23.75 -28.84
C VAL A 196 -2.82 -22.55 -28.63
N ASP A 197 -3.00 -22.16 -27.36
CA ASP A 197 -3.83 -21.01 -26.99
C ASP A 197 -3.29 -19.69 -27.54
N LEU A 198 -1.97 -19.55 -27.51
CA LEU A 198 -1.31 -18.37 -28.07
C LEU A 198 -1.53 -18.32 -29.57
N GLN A 199 -1.13 -19.39 -30.26
CA GLN A 199 -1.38 -19.57 -31.69
C GLN A 199 -2.80 -19.18 -32.07
N PHE A 200 -3.76 -19.58 -31.24
CA PHE A 200 -5.16 -19.17 -31.39
C PHE A 200 -5.32 -17.67 -31.27
N GLY A 201 -4.63 -17.08 -30.28
CA GLY A 201 -4.70 -15.64 -29.99
C GLY A 201 -4.27 -14.77 -31.16
N VAL A 202 -3.09 -15.08 -31.70
CA VAL A 202 -2.62 -14.49 -32.95
C VAL A 202 -3.73 -14.57 -34.00
N GLU A 203 -4.03 -15.79 -34.46
CA GLU A 203 -5.13 -16.05 -35.43
C GLU A 203 -6.35 -15.16 -35.21
N GLN A 204 -6.80 -15.03 -33.97
CA GLN A 204 -8.01 -14.28 -33.66
C GLN A 204 -7.76 -12.80 -33.39
N GLY A 205 -6.52 -12.36 -33.58
CA GLY A 205 -6.12 -10.94 -33.40
C GLY A 205 -6.33 -10.36 -32.00
N VAL A 206 -5.78 -11.01 -30.99
CA VAL A 206 -5.87 -10.46 -29.63
C VAL A 206 -4.86 -9.32 -29.48
N ASP A 207 -5.07 -8.47 -28.47
CA ASP A 207 -4.27 -7.26 -28.31
C ASP A 207 -3.04 -7.43 -27.43
N MET A 208 -3.21 -8.19 -26.35
CA MET A 208 -2.16 -8.39 -25.36
C MET A 208 -2.27 -9.80 -24.77
N ILE A 209 -1.12 -10.40 -24.52
CA ILE A 209 -1.02 -11.63 -23.75
C ILE A 209 -0.74 -11.26 -22.29
N PHE A 210 -1.60 -11.71 -21.37
CA PHE A 210 -1.23 -11.72 -19.95
C PHE A 210 -0.47 -13.04 -19.65
N ALA A 211 0.85 -12.97 -19.65
CA ALA A 211 1.69 -14.17 -19.61
C ALA A 211 1.99 -14.71 -18.20
N SER A 212 1.48 -15.90 -17.91
CA SER A 212 1.55 -16.48 -16.57
C SER A 212 2.92 -16.91 -16.05
N PHE A 213 3.11 -16.76 -14.73
CA PHE A 213 4.26 -17.36 -14.05
C PHE A 213 5.62 -17.00 -14.67
N ILE A 214 5.78 -15.74 -15.10
CA ILE A 214 7.05 -15.29 -15.66
C ILE A 214 8.10 -15.19 -14.57
N ARG A 215 9.28 -15.75 -14.83
CA ARG A 215 10.31 -15.88 -13.82
C ARG A 215 11.68 -15.35 -14.24
N SER A 216 11.84 -15.10 -15.53
CA SER A 216 13.09 -14.55 -16.04
C SER A 216 12.85 -13.93 -17.40
N ALA A 217 13.81 -13.12 -17.84
CA ALA A 217 13.71 -12.39 -19.08
C ALA A 217 13.74 -13.35 -20.29
N GLU A 218 14.63 -14.35 -20.22
CA GLU A 218 14.73 -15.41 -21.23
C GLU A 218 13.36 -15.99 -21.56
N GLN A 219 12.51 -16.13 -20.53
CA GLN A 219 11.15 -16.65 -20.71
C GLN A 219 10.21 -15.74 -21.49
N VAL A 220 10.47 -14.43 -21.43
CA VAL A 220 9.70 -13.48 -22.24
C VAL A 220 10.00 -13.74 -23.72
N GLY A 221 11.26 -14.07 -24.02
CA GLY A 221 11.69 -14.42 -25.37
C GLY A 221 10.98 -15.66 -25.86
N ASP A 222 10.91 -16.68 -25.00
CA ASP A 222 10.16 -17.91 -25.27
C ASP A 222 8.70 -17.63 -25.62
N VAL A 223 8.06 -16.74 -24.86
CA VAL A 223 6.67 -16.34 -25.16
C VAL A 223 6.58 -15.64 -26.51
N ARG A 224 7.50 -14.69 -26.75
CA ARG A 224 7.59 -13.98 -28.02
C ARG A 224 7.76 -14.97 -29.17
N LYS A 225 8.76 -15.83 -29.07
CA LYS A 225 9.03 -16.83 -30.11
C LYS A 225 7.82 -17.76 -30.34
N ALA A 226 7.02 -17.95 -29.30
CA ALA A 226 5.79 -18.76 -29.40
C ALA A 226 4.67 -18.01 -30.12
N LEU A 227 4.70 -16.69 -30.11
CA LEU A 227 3.71 -15.90 -30.85
C LEU A 227 4.10 -15.84 -32.34
N GLY A 228 5.34 -16.26 -32.61
CA GLY A 228 5.85 -16.38 -33.97
C GLY A 228 5.89 -15.08 -34.76
N PRO A 229 6.13 -15.18 -36.09
CA PRO A 229 6.40 -13.98 -36.87
C PRO A 229 5.18 -13.07 -37.02
N LYS A 230 3.99 -13.65 -37.02
CA LYS A 230 2.74 -12.89 -37.20
C LYS A 230 2.21 -12.27 -35.90
N GLY A 231 2.93 -12.51 -34.80
CA GLY A 231 2.51 -12.04 -33.47
C GLY A 231 3.33 -10.90 -32.88
N ARG A 232 4.17 -10.29 -33.72
CA ARG A 232 5.16 -9.31 -33.27
C ARG A 232 4.60 -7.97 -32.74
N ASP A 233 3.35 -7.65 -33.05
CA ASP A 233 2.73 -6.41 -32.57
C ASP A 233 1.83 -6.61 -31.37
N ILE A 234 1.75 -7.85 -30.89
CA ILE A 234 0.91 -8.14 -29.71
C ILE A 234 1.76 -7.88 -28.49
N MET A 235 1.17 -7.17 -27.53
CA MET A 235 1.87 -6.84 -26.29
C MET A 235 1.93 -8.03 -25.33
N ILE A 236 3.12 -8.26 -24.79
CA ILE A 236 3.29 -9.25 -23.76
C ILE A 236 3.37 -8.55 -22.41
N ILE A 237 2.35 -8.80 -21.58
CA ILE A 237 2.25 -8.32 -20.22
C ILE A 237 2.63 -9.45 -19.25
N CYS A 238 3.75 -9.30 -18.55
CA CYS A 238 4.24 -10.35 -17.66
C CYS A 238 3.63 -10.40 -16.25
N LYS A 239 3.00 -11.53 -15.93
CA LYS A 239 2.45 -11.79 -14.59
C LYS A 239 3.55 -12.21 -13.63
N ILE A 240 3.74 -11.40 -12.59
CA ILE A 240 4.73 -11.71 -11.58
C ILE A 240 4.08 -12.41 -10.40
N GLU A 241 4.46 -13.67 -10.21
CA GLU A 241 3.74 -14.54 -9.30
C GLU A 241 4.59 -15.18 -8.21
N ASN A 242 5.91 -15.05 -8.29
CA ASN A 242 6.80 -15.65 -7.28
C ASN A 242 8.10 -14.88 -7.07
N HIS A 243 8.89 -15.31 -6.10
CA HIS A 243 10.15 -14.67 -5.76
C HIS A 243 11.08 -14.47 -6.96
N GLN A 244 11.07 -15.43 -7.89
CA GLN A 244 11.91 -15.33 -9.09
C GLN A 244 11.54 -14.11 -9.93
N GLY A 245 10.26 -13.99 -10.24
CA GLY A 245 9.74 -12.83 -10.94
C GLY A 245 10.16 -11.54 -10.27
N VAL A 246 10.01 -11.48 -8.94
CA VAL A 246 10.44 -10.32 -8.18
C VAL A 246 11.96 -10.08 -8.30
N GLN A 247 12.78 -11.11 -8.05
CA GLN A 247 14.26 -10.96 -8.15
C GLN A 247 14.74 -10.52 -9.52
N ASN A 248 14.10 -11.03 -10.57
CA ASN A 248 14.53 -10.73 -11.93
C ASN A 248 13.76 -9.57 -12.62
N ILE A 249 13.03 -8.80 -11.82
CA ILE A 249 12.09 -7.80 -12.35
C ILE A 249 12.72 -6.82 -13.36
N ASP A 250 13.89 -6.27 -13.05
CA ASP A 250 14.57 -5.34 -13.96
C ASP A 250 14.71 -5.91 -15.37
N SER A 251 15.26 -7.11 -15.50
CA SER A 251 15.52 -7.67 -16.82
C SER A 251 14.21 -8.09 -17.48
N ILE A 252 13.26 -8.58 -16.66
CA ILE A 252 11.92 -8.90 -17.14
C ILE A 252 11.17 -7.67 -17.72
N ILE A 253 11.16 -6.57 -16.97
CA ILE A 253 10.58 -5.30 -17.48
C ILE A 253 11.23 -4.80 -18.79
N GLU A 254 12.55 -4.89 -18.90
CA GLU A 254 13.26 -4.50 -20.13
C GLU A 254 12.73 -5.25 -21.36
N GLU A 255 12.55 -6.58 -21.24
CA GLU A 255 12.13 -7.46 -22.36
C GLU A 255 10.64 -7.44 -22.67
N SER A 256 9.81 -7.16 -21.66
CA SER A 256 8.35 -7.25 -21.79
C SER A 256 7.73 -5.92 -22.16
N ASP A 257 6.41 -5.89 -22.35
CA ASP A 257 5.70 -4.66 -22.69
C ASP A 257 4.89 -4.12 -21.51
N GLY A 258 5.05 -4.73 -20.34
CA GLY A 258 4.26 -4.34 -19.17
C GLY A 258 4.26 -5.44 -18.12
N ILE A 259 3.58 -5.18 -17.00
CA ILE A 259 3.67 -6.02 -15.82
C ILE A 259 2.30 -6.15 -15.14
N MET A 260 1.98 -7.36 -14.69
CA MET A 260 0.86 -7.56 -13.79
C MET A 260 1.36 -8.04 -12.45
N VAL A 261 0.98 -7.31 -11.40
CA VAL A 261 1.29 -7.72 -10.03
C VAL A 261 0.15 -8.62 -9.56
N ALA A 262 0.42 -9.93 -9.54
CA ALA A 262 -0.57 -10.90 -9.10
C ALA A 262 -0.47 -11.13 -7.60
N ARG A 263 -1.07 -10.25 -6.80
CA ARG A 263 -0.91 -10.26 -5.32
C ARG A 263 -1.27 -11.59 -4.63
N GLY A 264 -2.39 -12.19 -5.04
CA GLY A 264 -2.82 -13.49 -4.51
C GLY A 264 -1.81 -14.62 -4.79
N ASP A 265 -1.29 -14.67 -6.01
CA ASP A 265 -0.30 -15.69 -6.33
C ASP A 265 0.97 -15.48 -5.56
N LEU A 266 1.47 -14.24 -5.55
CA LEU A 266 2.67 -13.92 -4.81
C LEU A 266 2.43 -14.26 -3.35
N GLY A 267 1.19 -14.05 -2.91
CA GLY A 267 0.79 -14.26 -1.53
C GLY A 267 0.91 -15.69 -1.04
N VAL A 268 0.71 -16.65 -1.93
CA VAL A 268 0.88 -18.07 -1.58
C VAL A 268 2.27 -18.32 -0.98
N GLU A 269 3.29 -17.64 -1.50
CA GLU A 269 4.69 -17.93 -1.17
C GLU A 269 5.41 -16.85 -0.33
N ILE A 270 4.88 -15.63 -0.34
CA ILE A 270 5.53 -14.48 0.29
C ILE A 270 4.55 -13.86 1.31
N PRO A 271 5.03 -13.54 2.54
CA PRO A 271 4.18 -12.87 3.55
C PRO A 271 3.50 -11.61 2.99
N ALA A 272 2.23 -11.46 3.33
CA ALA A 272 1.35 -10.38 2.79
C ALA A 272 1.97 -8.99 2.87
N GLU A 273 2.62 -8.67 3.99
CA GLU A 273 3.23 -7.36 4.18
C GLU A 273 4.42 -7.14 3.24
N LYS A 274 5.09 -8.22 2.85
CA LYS A 274 6.14 -8.10 1.84
C LYS A 274 5.56 -7.96 0.44
N VAL A 275 4.39 -8.54 0.21
CA VAL A 275 3.72 -8.39 -1.09
C VAL A 275 3.27 -6.93 -1.33
N VAL A 276 2.80 -6.29 -0.25
CA VAL A 276 2.44 -4.87 -0.25
C VAL A 276 3.62 -4.07 -0.79
N VAL A 277 4.78 -4.31 -0.18
CA VAL A 277 6.02 -3.64 -0.53
C VAL A 277 6.47 -4.02 -1.95
N ALA A 278 6.21 -5.26 -2.34
CA ALA A 278 6.62 -5.72 -3.66
C ALA A 278 5.78 -5.02 -4.71
N GLN A 279 4.50 -4.80 -4.40
CA GLN A 279 3.64 -4.01 -5.24
C GLN A 279 4.24 -2.60 -5.47
N LYS A 280 4.64 -1.94 -4.38
CA LYS A 280 5.30 -0.65 -4.48
C LYS A 280 6.49 -0.64 -5.45
N ILE A 281 7.38 -1.61 -5.31
CA ILE A 281 8.62 -1.68 -6.09
C ILE A 281 8.28 -1.80 -7.56
N LEU A 282 7.42 -2.78 -7.86
CA LEU A 282 7.06 -3.12 -9.25
C LEU A 282 6.32 -2.01 -9.98
N ILE A 283 5.35 -1.40 -9.31
CA ILE A 283 4.64 -0.28 -9.92
C ILE A 283 5.62 0.85 -10.26
N SER A 284 6.46 1.23 -9.30
CA SER A 284 7.44 2.29 -9.51
C SER A 284 8.46 1.99 -10.60
N LYS A 285 8.93 0.74 -10.69
CA LYS A 285 9.87 0.39 -11.74
C LYS A 285 9.24 0.54 -13.11
N CYS A 286 7.98 0.14 -13.20
CA CYS A 286 7.22 0.25 -14.44
C CYS A 286 6.96 1.69 -14.82
N ASN A 287 6.59 2.51 -13.83
CA ASN A 287 6.41 3.96 -14.05
C ASN A 287 7.68 4.54 -14.64
N VAL A 288 8.84 4.20 -14.07
CA VAL A 288 10.12 4.72 -14.57
C VAL A 288 10.44 4.16 -15.95
N ALA A 289 10.22 2.87 -16.15
CA ALA A 289 10.40 2.27 -17.48
C ALA A 289 9.39 2.80 -18.55
N GLY A 290 8.27 3.37 -18.13
CA GLY A 290 7.28 3.90 -19.08
C GLY A 290 6.39 2.82 -19.67
N LYS A 291 6.09 1.82 -18.86
CA LYS A 291 5.38 0.64 -19.32
C LYS A 291 4.20 0.40 -18.39
N PRO A 292 3.05 -0.02 -18.94
CA PRO A 292 1.86 -0.19 -18.11
C PRO A 292 2.04 -1.23 -17.01
N VAL A 293 1.40 -0.99 -15.88
CA VAL A 293 1.45 -1.92 -14.77
C VAL A 293 0.03 -2.17 -14.27
N ILE A 294 -0.34 -3.44 -14.14
CA ILE A 294 -1.66 -3.83 -13.64
C ILE A 294 -1.61 -4.31 -12.19
N CYS A 295 -2.46 -3.75 -11.35
CA CYS A 295 -2.63 -4.28 -10.01
C CYS A 295 -3.78 -5.32 -10.03
N ALA A 296 -3.46 -6.58 -9.78
CA ALA A 296 -4.40 -7.68 -10.00
C ALA A 296 -4.64 -8.60 -8.80
N THR A 297 -5.80 -9.25 -8.81
CA THR A 297 -6.30 -10.18 -7.78
C THR A 297 -6.69 -9.52 -6.46
N GLN A 298 -7.68 -10.10 -5.79
CA GLN A 298 -8.14 -9.69 -4.46
C GLN A 298 -8.34 -8.20 -4.38
N MET A 299 -9.03 -7.64 -5.37
CA MET A 299 -9.24 -6.21 -5.40
C MET A 299 -10.52 -5.86 -4.65
N LEU A 300 -11.66 -6.21 -5.21
CA LEU A 300 -12.90 -5.97 -4.49
C LEU A 300 -13.64 -7.28 -4.27
N GLU A 301 -12.88 -8.31 -3.92
CA GLU A 301 -13.34 -9.70 -3.87
C GLU A 301 -14.67 -9.96 -3.13
N SER A 302 -14.85 -9.36 -1.96
CA SER A 302 -16.06 -9.58 -1.19
C SER A 302 -17.34 -9.20 -1.96
N MET A 303 -17.19 -8.32 -2.95
CA MET A 303 -18.30 -7.81 -3.75
C MET A 303 -18.70 -8.76 -4.88
N THR A 304 -18.08 -9.94 -4.89
CA THR A 304 -18.52 -11.05 -5.75
C THR A 304 -19.95 -11.50 -5.38
N TYR A 305 -20.28 -11.45 -4.08
CA TYR A 305 -21.60 -11.87 -3.59
C TYR A 305 -22.27 -10.89 -2.63
N ASN A 306 -21.53 -9.89 -2.16
CA ASN A 306 -22.10 -8.83 -1.32
C ASN A 306 -22.33 -7.54 -2.12
N PRO A 307 -23.36 -6.75 -1.76
CA PRO A 307 -23.67 -5.51 -2.49
C PRO A 307 -22.58 -4.43 -2.41
N ARG A 308 -21.95 -4.33 -1.25
CA ARG A 308 -20.90 -3.34 -0.98
C ARG A 308 -19.64 -4.04 -0.44
N PRO A 309 -18.44 -3.51 -0.76
CA PRO A 309 -17.18 -4.10 -0.27
C PRO A 309 -16.80 -3.61 1.11
N THR A 310 -15.78 -4.22 1.71
CA THR A 310 -15.26 -3.77 2.99
C THR A 310 -14.45 -2.48 2.83
N ARG A 311 -14.32 -1.72 3.94
CA ARG A 311 -13.49 -0.53 3.99
C ARG A 311 -12.06 -0.80 3.47
N ALA A 312 -11.49 -1.93 3.88
CA ALA A 312 -10.09 -2.23 3.61
C ALA A 312 -9.85 -2.52 2.15
N GLU A 313 -10.83 -3.12 1.48
CA GLU A 313 -10.74 -3.40 0.06
C GLU A 313 -10.75 -2.09 -0.72
N VAL A 314 -11.55 -1.13 -0.22
CA VAL A 314 -11.64 0.19 -0.82
C VAL A 314 -10.26 0.90 -0.75
N SER A 315 -9.63 0.91 0.41
CA SER A 315 -8.31 1.54 0.53
C SER A 315 -7.29 0.77 -0.31
N ASP A 316 -7.51 -0.53 -0.49
CA ASP A 316 -6.59 -1.32 -1.27
C ASP A 316 -6.58 -0.76 -2.67
N VAL A 317 -7.77 -0.54 -3.23
CA VAL A 317 -7.89 -0.01 -4.59
C VAL A 317 -7.33 1.40 -4.67
N ALA A 318 -7.64 2.23 -3.68
CA ALA A 318 -7.18 3.62 -3.72
C ALA A 318 -5.66 3.66 -3.72
N ASN A 319 -5.06 2.82 -2.88
CA ASN A 319 -3.64 2.84 -2.67
C ASN A 319 -2.86 2.23 -3.81
N ALA A 320 -3.54 1.48 -4.68
CA ALA A 320 -2.89 1.03 -5.90
C ALA A 320 -2.74 2.21 -6.86
N VAL A 321 -3.74 3.08 -6.89
CA VAL A 321 -3.69 4.33 -7.63
C VAL A 321 -2.57 5.24 -7.08
N PHE A 322 -2.57 5.50 -5.76
CA PHE A 322 -1.47 6.25 -5.11
C PHE A 322 -0.05 5.64 -5.35
N ASN A 323 0.05 4.30 -5.36
CA ASN A 323 1.30 3.64 -5.71
C ASN A 323 1.75 3.99 -7.12
N GLY A 324 0.78 4.16 -8.02
CA GLY A 324 1.04 4.53 -9.41
C GLY A 324 0.56 3.52 -10.45
N ALA A 325 -0.37 2.65 -10.08
CA ALA A 325 -0.89 1.67 -11.05
C ALA A 325 -1.57 2.36 -12.25
N ASP A 326 -1.27 1.88 -13.45
CA ASP A 326 -2.03 2.27 -14.64
C ASP A 326 -3.40 1.65 -14.55
N CYS A 327 -3.45 0.38 -14.10
CA CYS A 327 -4.67 -0.42 -14.14
C CYS A 327 -4.99 -1.13 -12.84
N VAL A 328 -6.29 -1.30 -12.61
CA VAL A 328 -6.80 -2.19 -11.58
C VAL A 328 -7.69 -3.24 -12.26
N MET A 329 -7.56 -4.49 -11.83
CA MET A 329 -8.21 -5.62 -12.47
C MET A 329 -9.26 -6.30 -11.61
N LEU A 330 -10.34 -6.75 -12.25
CA LEU A 330 -11.37 -7.52 -11.57
C LEU A 330 -11.41 -8.95 -12.12
N SER A 331 -11.47 -9.90 -11.19
CA SER A 331 -11.47 -11.32 -11.56
C SER A 331 -12.87 -11.93 -11.39
N GLY A 332 -13.04 -12.76 -10.36
CA GLY A 332 -14.33 -13.38 -10.02
C GLY A 332 -15.47 -12.38 -9.93
N GLU A 333 -15.18 -11.19 -9.38
CA GLU A 333 -16.19 -10.13 -9.24
C GLU A 333 -16.97 -9.81 -10.53
N THR A 334 -16.39 -10.10 -11.69
CA THR A 334 -17.06 -9.87 -12.97
C THR A 334 -17.26 -11.16 -13.78
N ALA A 335 -16.39 -12.13 -13.55
CA ALA A 335 -16.50 -13.44 -14.18
C ALA A 335 -17.74 -14.21 -13.70
N LYS A 336 -18.00 -14.19 -12.39
CA LYS A 336 -19.11 -14.96 -11.84
C LYS A 336 -19.76 -14.31 -10.63
N GLY A 337 -19.61 -13.01 -10.50
CA GLY A 337 -20.19 -12.28 -9.38
C GLY A 337 -21.66 -11.94 -9.57
N LYS A 338 -22.26 -11.37 -8.53
CA LYS A 338 -23.68 -11.04 -8.52
C LYS A 338 -23.96 -9.59 -8.90
N TYR A 339 -22.96 -8.71 -8.71
CA TYR A 339 -23.09 -7.29 -9.01
C TYR A 339 -21.99 -6.81 -9.98
N PRO A 340 -21.96 -7.36 -11.21
CA PRO A 340 -20.86 -7.09 -12.12
C PRO A 340 -20.78 -5.62 -12.56
N ASN A 341 -21.91 -4.95 -12.72
CA ASN A 341 -21.93 -3.54 -13.09
C ASN A 341 -21.55 -2.67 -11.92
N GLU A 342 -22.17 -2.95 -10.78
CA GLU A 342 -21.96 -2.18 -9.57
C GLU A 342 -20.47 -2.15 -9.17
N VAL A 343 -19.80 -3.31 -9.28
CA VAL A 343 -18.39 -3.41 -8.91
C VAL A 343 -17.50 -2.57 -9.82
N VAL A 344 -17.74 -2.63 -11.13
CA VAL A 344 -16.98 -1.81 -12.07
C VAL A 344 -17.20 -0.32 -11.80
N GLN A 345 -18.47 0.04 -11.58
CA GLN A 345 -18.86 1.42 -11.28
C GLN A 345 -18.16 1.93 -10.04
N TYR A 346 -18.13 1.11 -8.99
CA TYR A 346 -17.55 1.48 -7.70
C TYR A 346 -16.02 1.61 -7.81
N MET A 347 -15.42 0.67 -8.53
CA MET A 347 -14.00 0.72 -8.81
C MET A 347 -13.62 2.04 -9.49
N ALA A 348 -14.38 2.42 -10.53
CA ALA A 348 -14.22 3.70 -11.23
C ALA A 348 -14.33 4.89 -10.29
N ARG A 349 -15.29 4.84 -9.37
CA ARG A 349 -15.49 5.90 -8.38
C ARG A 349 -14.31 6.05 -7.41
N ILE A 350 -13.78 4.91 -6.94
CA ILE A 350 -12.64 4.90 -6.01
C ILE A 350 -11.39 5.47 -6.69
N CYS A 351 -11.09 4.97 -7.88
CA CYS A 351 -10.01 5.49 -8.69
C CYS A 351 -10.12 7.00 -8.87
N LEU A 352 -11.33 7.46 -9.23
CA LEU A 352 -11.61 8.86 -9.49
C LEU A 352 -11.34 9.68 -8.23
N GLU A 353 -11.77 9.17 -7.09
CA GLU A 353 -11.53 9.84 -5.82
C GLU A 353 -10.02 9.94 -5.50
N ALA A 354 -9.29 8.85 -5.70
CA ALA A 354 -7.89 8.79 -5.34
C ALA A 354 -7.10 9.72 -6.24
N GLN A 355 -7.48 9.76 -7.51
CA GLN A 355 -6.82 10.62 -8.49
C GLN A 355 -6.92 12.10 -8.11
N SER A 356 -8.01 12.48 -7.46
CA SER A 356 -8.25 13.85 -7.03
C SER A 356 -7.39 14.16 -5.84
N ALA A 357 -6.96 13.12 -5.13
CA ALA A 357 -6.07 13.31 -3.99
C ALA A 357 -4.61 13.19 -4.44
N LEU A 358 -4.37 12.58 -5.60
CA LEU A 358 -3.03 12.35 -6.11
C LEU A 358 -2.39 13.62 -6.70
N ASN A 359 -1.23 13.98 -6.17
CA ASN A 359 -0.41 15.05 -6.74
C ASN A 359 0.45 14.48 -7.86
N GLU A 360 0.00 14.64 -9.11
CA GLU A 360 0.73 14.11 -10.27
C GLU A 360 2.11 14.74 -10.43
N TYR A 361 2.25 15.97 -9.96
CA TYR A 361 3.49 16.71 -10.13
C TYR A 361 4.69 16.03 -9.46
N VAL A 362 4.45 15.31 -8.36
CA VAL A 362 5.48 14.54 -7.70
C VAL A 362 6.00 13.43 -8.62
N PHE A 363 5.09 12.77 -9.34
CA PHE A 363 5.46 11.74 -10.33
C PHE A 363 6.31 12.29 -11.46
N PHE A 364 5.85 13.38 -12.05
CA PHE A 364 6.55 14.07 -13.14
C PHE A 364 7.95 14.43 -12.67
N ASN A 365 8.03 15.14 -11.55
CA ASN A 365 9.30 15.46 -10.92
C ASN A 365 10.20 14.28 -10.67
N SER A 366 9.64 13.24 -10.05
CA SER A 366 10.41 12.07 -9.66
C SER A 366 11.00 11.41 -10.90
N ILE A 367 10.20 11.34 -11.96
CA ILE A 367 10.64 10.64 -13.16
C ILE A 367 11.66 11.50 -13.94
N LYS A 368 11.40 12.80 -14.02
CA LYS A 368 12.31 13.70 -14.70
C LYS A 368 13.68 13.76 -14.00
N LYS A 369 13.69 13.76 -12.66
CA LYS A 369 14.94 13.77 -11.88
C LYS A 369 15.85 12.56 -12.16
N LEU A 370 15.28 11.48 -12.67
CA LEU A 370 16.05 10.26 -12.92
C LEU A 370 16.60 10.16 -14.33
N GLN A 371 16.33 11.15 -15.17
CA GLN A 371 16.81 11.14 -16.55
C GLN A 371 18.28 11.51 -16.62
N HIS A 372 19.01 10.71 -17.39
CA HIS A 372 20.41 10.95 -17.72
C HIS A 372 20.52 12.17 -18.64
N ILE A 373 21.39 13.12 -18.30
CA ILE A 373 21.73 14.21 -19.23
C ILE A 373 23.07 13.90 -19.90
N PRO A 374 23.13 13.91 -21.25
CA PRO A 374 22.09 14.41 -22.15
C PRO A 374 20.95 13.44 -22.37
N MET A 375 19.74 13.97 -22.53
CA MET A 375 18.58 13.18 -22.90
C MET A 375 18.59 12.93 -24.40
N SER A 376 17.88 11.91 -24.84
CA SER A 376 17.62 11.75 -26.26
C SER A 376 16.47 12.69 -26.64
N ALA A 377 16.45 13.14 -27.89
CA ALA A 377 15.38 14.05 -28.34
C ALA A 377 13.98 13.65 -27.84
N ASP A 378 13.60 12.40 -28.02
CA ASP A 378 12.22 11.95 -27.74
C ASP A 378 11.86 12.09 -26.26
N GLU A 379 12.79 11.73 -25.39
CA GLU A 379 12.63 11.86 -23.95
C GLU A 379 12.50 13.33 -23.56
N ALA A 380 13.28 14.18 -24.22
CA ALA A 380 13.30 15.62 -23.97
C ALA A 380 12.00 16.29 -24.39
N VAL A 381 11.52 15.94 -25.58
CA VAL A 381 10.32 16.56 -26.13
C VAL A 381 9.10 16.25 -25.25
N CYS A 382 8.98 14.98 -24.84
CA CYS A 382 7.84 14.53 -24.07
C CYS A 382 7.83 15.12 -22.67
N SER A 383 8.99 15.17 -22.03
CA SER A 383 9.05 15.69 -20.68
C SER A 383 8.86 17.20 -20.67
N SER A 384 9.41 17.90 -21.66
CA SER A 384 9.22 19.35 -21.72
C SER A 384 7.77 19.70 -22.10
N ALA A 385 7.16 18.88 -22.95
CA ALA A 385 5.73 19.01 -23.26
C ALA A 385 4.84 18.94 -22.00
N VAL A 386 5.09 17.97 -21.13
CA VAL A 386 4.37 17.84 -19.86
C VAL A 386 4.74 18.99 -18.89
N ASN A 387 6.02 19.37 -18.85
CA ASN A 387 6.43 20.56 -18.11
C ASN A 387 5.66 21.82 -18.56
N SER A 388 5.47 21.95 -19.88
CA SER A 388 4.74 23.08 -20.44
C SER A 388 3.29 23.09 -19.93
N VAL A 389 2.70 21.91 -19.79
CA VAL A 389 1.35 21.77 -19.21
C VAL A 389 1.31 22.37 -17.81
N TYR A 390 2.29 22.02 -16.99
CA TYR A 390 2.31 22.50 -15.59
C TYR A 390 2.53 24.00 -15.54
N GLU A 391 3.44 24.47 -16.39
CA GLU A 391 3.85 25.86 -16.43
C GLU A 391 2.79 26.81 -17.00
N THR A 392 2.04 26.36 -18.00
CA THR A 392 0.97 27.17 -18.61
C THR A 392 -0.42 26.80 -18.12
N LYS A 393 -0.51 25.85 -17.19
CA LYS A 393 -1.80 25.30 -16.75
C LYS A 393 -2.72 24.85 -17.89
N ALA A 394 -2.13 24.29 -18.94
CA ALA A 394 -2.89 23.73 -20.05
C ALA A 394 -3.85 22.65 -19.56
N LYS A 395 -4.90 22.40 -20.33
CA LYS A 395 -5.97 21.54 -19.82
C LYS A 395 -6.24 20.29 -20.65
N ALA A 396 -5.40 20.08 -21.67
CA ALA A 396 -5.37 18.82 -22.41
C ALA A 396 -4.08 18.73 -23.22
N MET A 397 -3.77 17.52 -23.70
CA MET A 397 -2.59 17.29 -24.51
C MET A 397 -3.03 16.52 -25.74
N VAL A 398 -2.42 16.79 -26.88
CA VAL A 398 -2.71 16.00 -28.06
C VAL A 398 -1.43 15.31 -28.54
N VAL A 399 -1.49 13.99 -28.66
CA VAL A 399 -0.34 13.19 -29.04
C VAL A 399 -0.61 12.40 -30.32
N LEU A 400 0.22 12.62 -31.33
CA LEU A 400 0.09 11.93 -32.59
C LEU A 400 1.04 10.78 -32.59
N SER A 401 0.50 9.57 -32.63
CA SER A 401 1.31 8.39 -32.47
C SER A 401 0.67 7.23 -33.21
N ASN A 402 1.42 6.63 -34.12
CA ASN A 402 0.91 5.50 -34.85
C ASN A 402 0.96 4.19 -34.06
N THR A 403 2.04 3.96 -33.30
CA THR A 403 2.19 2.72 -32.57
C THR A 403 1.84 2.81 -31.09
N GLY A 404 1.47 4.01 -30.62
CA GLY A 404 1.22 4.25 -29.20
C GLY A 404 2.46 4.69 -28.42
N ARG A 405 3.64 4.47 -29.02
CA ARG A 405 4.91 4.65 -28.32
C ARG A 405 5.07 6.02 -27.66
N SER A 406 4.79 7.07 -28.43
CA SER A 406 4.97 8.41 -27.90
C SER A 406 3.87 8.78 -26.90
N ALA A 407 2.69 8.20 -27.08
CA ALA A 407 1.61 8.38 -26.10
C ALA A 407 2.00 7.79 -24.74
N ARG A 408 2.65 6.63 -24.76
CA ARG A 408 3.13 6.01 -23.52
C ARG A 408 4.29 6.82 -22.94
N LEU A 409 5.18 7.32 -23.81
CA LEU A 409 6.24 8.21 -23.37
C LEU A 409 5.72 9.49 -22.69
N VAL A 410 4.68 10.11 -23.27
CA VAL A 410 4.03 11.27 -22.61
C VAL A 410 3.37 10.89 -21.28
N ALA A 411 2.57 9.83 -21.29
CA ALA A 411 1.83 9.36 -20.11
C ALA A 411 2.73 9.03 -18.93
N LYS A 412 3.92 8.54 -19.23
CA LYS A 412 4.89 8.24 -18.21
C LYS A 412 5.20 9.48 -17.34
N TYR A 413 5.31 10.65 -17.98
CA TYR A 413 5.59 11.92 -17.27
C TYR A 413 4.44 12.51 -16.49
N ARG A 414 3.26 11.90 -16.62
CA ARG A 414 2.13 12.20 -15.74
C ARG A 414 1.73 13.69 -15.70
N PRO A 415 1.19 14.23 -16.82
CA PRO A 415 0.61 15.59 -16.76
C PRO A 415 -0.65 15.58 -15.93
N ASN A 416 -1.03 16.72 -15.37
CA ASN A 416 -2.24 16.79 -14.56
C ASN A 416 -3.52 17.14 -15.35
N CYS A 417 -3.61 16.58 -16.57
CA CYS A 417 -4.71 16.82 -17.48
C CYS A 417 -4.76 15.64 -18.50
N PRO A 418 -5.92 15.41 -19.15
CA PRO A 418 -6.12 14.30 -20.09
C PRO A 418 -5.14 14.25 -21.27
N ILE A 419 -4.77 13.06 -21.74
CA ILE A 419 -3.95 12.93 -22.96
C ILE A 419 -4.76 12.29 -24.08
N VAL A 420 -4.86 12.99 -25.21
CA VAL A 420 -5.65 12.55 -26.32
C VAL A 420 -4.69 12.05 -27.38
N CYS A 421 -4.68 10.75 -27.61
CA CYS A 421 -3.81 10.19 -28.64
C CYS A 421 -4.57 10.10 -29.93
N VAL A 422 -3.99 10.64 -31.01
CA VAL A 422 -4.62 10.56 -32.31
C VAL A 422 -3.78 9.61 -33.17
N THR A 423 -4.39 8.50 -33.55
CA THR A 423 -3.65 7.44 -34.20
C THR A 423 -4.35 6.95 -35.48
N THR A 424 -3.54 6.41 -36.39
CA THR A 424 -3.99 5.77 -37.62
C THR A 424 -4.06 4.22 -37.54
N ARG A 425 -3.86 3.64 -36.35
CA ARG A 425 -4.00 2.19 -36.17
C ARG A 425 -5.07 1.88 -35.12
N LEU A 426 -5.99 0.96 -35.45
CA LEU A 426 -7.04 0.57 -34.49
C LEU A 426 -6.50 -0.23 -33.31
N GLN A 427 -5.57 -1.15 -33.61
CA GLN A 427 -4.94 -1.95 -32.55
C GLN A 427 -4.22 -1.04 -31.56
N THR A 428 -3.69 0.09 -32.03
CA THR A 428 -3.13 1.12 -31.16
C THR A 428 -4.15 1.72 -30.19
N CYS A 429 -5.35 2.04 -30.68
CA CYS A 429 -6.41 2.58 -29.81
C CYS A 429 -6.82 1.60 -28.70
N ARG A 430 -6.66 0.31 -28.99
CA ARG A 430 -7.06 -0.74 -28.06
C ARG A 430 -5.91 -0.96 -27.07
N GLN A 431 -4.70 -1.11 -27.61
CA GLN A 431 -3.50 -1.36 -26.84
C GLN A 431 -3.20 -0.28 -25.82
N LEU A 432 -3.65 0.95 -26.07
CA LEU A 432 -3.46 2.06 -25.13
C LEU A 432 -4.46 2.05 -23.99
N ASN A 433 -5.40 1.10 -24.05
CA ASN A 433 -6.39 0.94 -22.97
C ASN A 433 -5.80 0.55 -21.63
N ILE A 434 -4.54 0.10 -21.63
CA ILE A 434 -3.82 -0.19 -20.39
C ILE A 434 -2.82 0.90 -19.96
N THR A 435 -2.98 2.09 -20.51
CA THR A 435 -2.07 3.17 -20.20
C THR A 435 -2.88 4.26 -19.55
N GLN A 436 -2.50 4.63 -18.33
CA GLN A 436 -3.28 5.62 -17.60
C GLN A 436 -3.26 7.00 -18.28
N GLY A 437 -4.36 7.73 -18.12
CA GLY A 437 -4.46 9.13 -18.54
C GLY A 437 -4.58 9.42 -20.03
N VAL A 438 -4.75 8.38 -20.82
CA VAL A 438 -4.74 8.53 -22.27
C VAL A 438 -6.08 8.14 -22.88
N GLU A 439 -6.58 8.95 -23.80
CA GLU A 439 -7.74 8.55 -24.61
C GLU A 439 -7.37 8.57 -26.09
N SER A 440 -7.87 7.59 -26.83
CA SER A 440 -7.54 7.51 -28.25
C SER A 440 -8.61 7.97 -29.23
N VAL A 441 -8.17 8.34 -30.43
CA VAL A 441 -9.07 8.63 -31.55
C VAL A 441 -8.49 8.00 -32.81
N PHE A 442 -9.30 7.23 -33.52
CA PHE A 442 -8.86 6.69 -34.80
C PHE A 442 -8.93 7.75 -35.89
N PHE A 443 -7.89 7.81 -36.69
CA PHE A 443 -7.87 8.67 -37.86
C PHE A 443 -7.59 7.80 -39.07
N ASP A 444 -8.61 7.69 -39.91
CA ASP A 444 -8.57 6.86 -41.12
C ASP A 444 -7.76 7.53 -42.22
N ALA A 445 -6.46 7.22 -42.28
CA ALA A 445 -5.54 7.77 -43.27
C ALA A 445 -5.83 7.28 -44.70
N ASP A 446 -6.34 6.04 -44.80
CA ASP A 446 -6.81 5.48 -46.07
C ASP A 446 -7.84 6.39 -46.74
N LYS A 447 -8.89 6.76 -46.00
CA LYS A 447 -10.05 7.49 -46.54
C LYS A 447 -9.90 9.01 -46.47
N LEU A 448 -9.27 9.50 -45.39
CA LEU A 448 -9.18 10.95 -45.15
C LEU A 448 -7.85 11.57 -45.60
N GLY A 449 -6.95 10.74 -46.11
CA GLY A 449 -5.68 11.23 -46.63
C GLY A 449 -4.55 11.10 -45.61
N HIS A 450 -3.32 11.12 -46.11
CA HIS A 450 -2.16 10.82 -45.27
C HIS A 450 -1.78 11.95 -44.32
N ASP A 451 -2.49 13.07 -44.42
CA ASP A 451 -2.31 14.21 -43.51
C ASP A 451 -0.85 14.58 -43.22
N GLU A 452 0.05 14.42 -44.18
CA GLU A 452 1.48 14.69 -43.95
C GLU A 452 1.75 16.04 -43.29
N GLY A 453 0.79 16.97 -43.38
CA GLY A 453 0.85 18.25 -42.66
C GLY A 453 0.65 18.10 -41.17
N LYS A 454 -0.26 17.20 -40.79
CA LYS A 454 -0.60 16.87 -39.39
C LYS A 454 -1.72 17.75 -38.81
N GLU A 455 -2.20 18.69 -39.62
CA GLU A 455 -3.22 19.67 -39.19
C GLU A 455 -4.58 19.03 -38.93
N HIS A 456 -4.87 17.95 -39.65
CA HIS A 456 -6.17 17.30 -39.52
C HIS A 456 -6.25 16.46 -38.25
N ARG A 457 -5.22 15.64 -38.05
CA ARG A 457 -5.12 14.83 -36.83
C ARG A 457 -5.12 15.71 -35.58
N VAL A 458 -4.38 16.82 -35.62
CA VAL A 458 -4.39 17.81 -34.53
C VAL A 458 -5.80 18.34 -34.29
N ALA A 459 -6.47 18.75 -35.36
CA ALA A 459 -7.85 19.22 -35.32
C ALA A 459 -8.80 18.16 -34.76
N ALA A 460 -8.61 16.93 -35.24
CA ALA A 460 -9.38 15.78 -34.73
C ALA A 460 -9.14 15.62 -33.22
N GLY A 461 -7.89 15.79 -32.81
CA GLY A 461 -7.53 15.76 -31.39
C GLY A 461 -8.24 16.82 -30.55
N VAL A 462 -8.13 18.06 -30.99
CA VAL A 462 -8.67 19.19 -30.26
C VAL A 462 -10.20 19.14 -30.17
N GLU A 463 -10.84 18.77 -31.29
CA GLU A 463 -12.30 18.59 -31.29
C GLU A 463 -12.71 17.47 -30.31
N PHE A 464 -11.98 16.35 -30.35
CA PHE A 464 -12.25 15.28 -29.38
C PHE A 464 -12.21 15.79 -27.93
N ALA A 465 -11.24 16.65 -27.63
CA ALA A 465 -11.12 17.23 -26.29
C ALA A 465 -12.18 18.28 -25.98
N LYS A 466 -12.77 18.85 -27.03
CA LYS A 466 -13.84 19.83 -26.85
C LYS A 466 -15.17 19.16 -26.51
N SER A 467 -15.52 18.11 -27.26
CA SER A 467 -16.75 17.36 -26.99
C SER A 467 -16.77 16.80 -25.57
N LYS A 468 -15.62 16.33 -25.10
CA LYS A 468 -15.51 15.79 -23.72
C LYS A 468 -15.49 16.89 -22.66
N GLY A 469 -15.31 18.14 -23.08
CA GLY A 469 -15.38 19.31 -22.20
C GLY A 469 -14.14 19.58 -21.35
N TYR A 470 -13.00 19.06 -21.78
CA TYR A 470 -11.74 19.27 -21.06
C TYR A 470 -11.17 20.66 -21.36
N VAL A 471 -11.26 21.06 -22.62
CA VAL A 471 -10.89 22.38 -23.09
C VAL A 471 -12.08 23.13 -23.66
N GLN A 472 -12.07 24.44 -23.46
CA GLN A 472 -13.01 25.35 -24.11
C GLN A 472 -12.19 26.47 -24.74
N THR A 473 -12.84 27.35 -25.52
CA THR A 473 -12.16 28.49 -26.13
C THR A 473 -11.42 29.30 -25.06
N GLY A 474 -10.14 29.57 -25.32
CA GLY A 474 -9.32 30.32 -24.37
C GLY A 474 -8.30 29.51 -23.58
N ASP A 475 -8.57 28.22 -23.37
CA ASP A 475 -7.66 27.34 -22.62
C ASP A 475 -6.43 27.02 -23.46
N TYR A 476 -5.40 26.50 -22.83
CA TYR A 476 -4.24 26.01 -23.56
C TYR A 476 -4.26 24.50 -23.76
N CYS A 477 -3.57 24.05 -24.79
CA CYS A 477 -3.50 22.66 -25.16
C CYS A 477 -2.12 22.37 -25.74
N VAL A 478 -1.45 21.33 -25.23
CA VAL A 478 -0.07 21.03 -25.66
C VAL A 478 -0.05 19.90 -26.69
N VAL A 479 0.48 20.18 -27.86
CA VAL A 479 0.44 19.22 -28.95
C VAL A 479 1.83 18.63 -29.14
N ILE A 480 1.90 17.35 -29.50
CA ILE A 480 3.20 16.71 -29.74
C ILE A 480 3.17 15.61 -30.82
N HIS A 481 4.06 15.74 -31.81
CA HIS A 481 4.41 14.66 -32.74
CA HIS A 481 4.40 14.63 -32.70
C HIS A 481 5.88 14.27 -32.53
N ALA A 482 6.13 13.08 -31.95
CA ALA A 482 7.50 12.57 -31.73
C ALA A 482 7.82 11.36 -32.62
N ASP A 483 8.89 10.62 -32.30
CA ASP A 483 9.23 9.33 -32.95
C ASP A 483 10.51 8.74 -32.36
N ALA A 490 11.99 12.33 -36.26
CA ALA A 490 11.44 13.68 -36.41
C ALA A 490 10.37 13.98 -35.34
N ASN A 491 10.29 15.22 -34.88
CA ASN A 491 9.36 15.57 -33.79
C ASN A 491 8.81 17.01 -33.84
N GLN A 492 8.12 17.43 -32.77
CA GLN A 492 7.50 18.75 -32.70
C GLN A 492 6.63 18.94 -31.44
N THR A 493 6.53 20.18 -30.99
CA THR A 493 5.68 20.55 -29.85
C THR A 493 5.05 21.91 -30.12
N ARG A 494 3.79 22.06 -29.77
CA ARG A 494 3.11 23.34 -29.88
C ARG A 494 2.30 23.57 -28.64
N ILE A 495 2.26 24.82 -28.18
CA ILE A 495 1.29 25.24 -27.18
C ILE A 495 0.19 25.99 -27.93
N LEU A 496 -0.96 25.35 -28.03
CA LEU A 496 -2.06 25.85 -28.83
C LEU A 496 -3.06 26.58 -27.97
N LEU A 497 -3.47 27.77 -28.41
CA LEU A 497 -4.60 28.46 -27.82
C LEU A 497 -5.85 27.95 -28.51
N VAL A 498 -6.80 27.47 -27.73
CA VAL A 498 -8.04 26.89 -28.28
C VAL A 498 -9.01 27.98 -28.74
N GLU A 499 -9.47 27.85 -30.00
CA GLU A 499 -10.41 28.82 -30.62
C GLU A 499 -11.87 28.46 -30.36
N SER B 2 10.60 10.74 -5.47
CA SER B 2 11.64 10.28 -4.50
C SER B 2 11.22 9.23 -3.44
N GLN B 3 9.95 9.13 -3.09
CA GLN B 3 9.50 7.85 -2.54
C GLN B 3 9.61 6.89 -3.72
N LEU B 4 9.26 7.37 -4.93
CA LEU B 4 9.34 6.59 -6.16
C LEU B 4 10.76 6.08 -6.42
N ALA B 5 11.74 6.99 -6.37
CA ALA B 5 13.15 6.63 -6.54
C ALA B 5 13.63 5.67 -5.44
N HIS B 6 13.18 5.90 -4.21
CA HIS B 6 13.52 5.02 -3.09
C HIS B 6 12.94 3.59 -3.29
N ASN B 7 11.71 3.50 -3.79
CA ASN B 7 11.09 2.22 -4.14
C ASN B 7 11.94 1.38 -5.11
N LEU B 8 12.58 2.06 -6.05
CA LEU B 8 13.41 1.43 -7.07
C LEU B 8 14.56 0.62 -6.48
N THR B 9 15.08 1.06 -5.34
CA THR B 9 16.30 0.50 -4.73
C THR B 9 15.98 -0.61 -3.73
N LEU B 10 14.69 -0.83 -3.49
CA LEU B 10 14.29 -1.75 -2.45
C LEU B 10 14.36 -3.22 -2.85
N SER B 11 14.63 -4.06 -1.86
CA SER B 11 14.53 -5.48 -2.03
C SER B 11 13.75 -6.05 -0.84
N ILE B 12 12.70 -6.81 -1.14
CA ILE B 12 11.94 -7.50 -0.10
C ILE B 12 12.72 -8.67 0.56
N PHE B 13 13.90 -8.97 0.03
CA PHE B 13 14.70 -10.09 0.52
C PHE B 13 15.83 -9.63 1.42
N ASP B 14 16.08 -8.32 1.46
CA ASP B 14 16.98 -7.71 2.45
C ASP B 14 16.46 -7.92 3.87
N PRO B 15 17.34 -7.76 4.87
CA PRO B 15 16.83 -7.82 6.24
C PRO B 15 16.09 -6.53 6.61
N VAL B 16 15.14 -6.63 7.53
CA VAL B 16 14.37 -5.49 8.00
C VAL B 16 15.25 -4.61 8.87
N ALA B 17 14.81 -3.37 9.06
CA ALA B 17 15.45 -2.43 9.97
C ALA B 17 15.57 -2.98 11.41
N ASN B 18 16.63 -2.56 12.10
CA ASN B 18 16.86 -2.93 13.49
C ASN B 18 15.87 -2.35 14.55
N TYR B 19 14.93 -1.50 14.11
CA TYR B 19 13.91 -0.92 15.00
C TYR B 19 12.59 -0.62 14.30
N ARG B 20 11.50 -0.71 15.06
CA ARG B 20 10.18 -0.32 14.59
C ARG B 20 9.89 1.08 15.11
N ALA B 21 9.43 1.96 14.24
CA ALA B 21 9.17 3.37 14.60
C ALA B 21 7.72 3.60 15.03
N ALA B 22 6.77 3.01 14.29
CA ALA B 22 5.35 3.18 14.60
C ALA B 22 4.95 2.47 15.91
N ARG B 23 3.92 2.97 16.56
CA ARG B 23 3.55 2.55 17.92
C ARG B 23 2.16 1.89 17.96
N ILE B 24 2.03 0.87 18.80
CA ILE B 24 0.81 0.07 18.82
C ILE B 24 0.01 0.35 20.11
N ILE B 25 -1.24 0.74 19.90
CA ILE B 25 -2.20 0.92 21.00
C ILE B 25 -3.16 -0.26 21.03
N CYS B 26 -3.30 -0.87 22.20
CA CYS B 26 -4.25 -1.99 22.38
C CYS B 26 -5.37 -1.66 23.35
N THR B 27 -6.61 -1.92 22.92
CA THR B 27 -7.76 -1.83 23.81
C THR B 27 -7.80 -3.04 24.74
N ILE B 28 -7.83 -2.77 26.04
CA ILE B 28 -7.95 -3.82 27.07
C ILE B 28 -9.39 -4.27 27.26
N GLY B 29 -9.56 -5.55 27.56
CA GLY B 29 -10.88 -6.10 27.86
C GLY B 29 -10.85 -7.50 28.46
N PRO B 30 -11.95 -8.24 28.31
CA PRO B 30 -12.08 -9.64 28.79
C PRO B 30 -10.91 -10.56 28.41
N SER B 31 -10.48 -10.52 27.15
CA SER B 31 -9.34 -11.36 26.69
C SER B 31 -8.04 -10.97 27.37
N THR B 32 -7.89 -9.71 27.75
CA THR B 32 -6.56 -9.21 28.08
C THR B 32 -6.35 -8.46 29.39
N GLN B 33 -7.34 -8.48 30.29
CA GLN B 33 -7.23 -7.68 31.53
C GLN B 33 -6.28 -8.16 32.62
N SER B 34 -5.86 -9.42 32.57
CA SER B 34 -5.06 -9.97 33.67
C SER B 34 -3.62 -9.52 33.57
N VAL B 35 -2.89 -9.55 34.70
CA VAL B 35 -1.47 -9.21 34.69
CA VAL B 35 -1.47 -9.23 34.71
C VAL B 35 -0.71 -10.02 33.62
N GLU B 36 -0.90 -11.34 33.59
CA GLU B 36 -0.19 -12.15 32.60
C GLU B 36 -0.52 -11.79 31.15
N ALA B 37 -1.81 -11.77 30.80
CA ALA B 37 -2.23 -11.39 29.45
C ALA B 37 -1.63 -10.03 29.01
N LEU B 38 -1.55 -9.08 29.94
CA LEU B 38 -1.00 -7.75 29.70
C LEU B 38 0.52 -7.83 29.47
N LYS B 39 1.17 -8.73 30.22
CA LYS B 39 2.58 -9.02 29.98
C LYS B 39 2.79 -9.55 28.57
N GLY B 40 1.89 -10.41 28.11
CA GLY B 40 1.93 -10.94 26.76
C GLY B 40 1.81 -9.83 25.72
N LEU B 41 0.85 -8.94 25.94
CA LEU B 41 0.64 -7.76 25.11
C LEU B 41 1.87 -6.86 24.98
N ILE B 42 2.50 -6.56 26.11
CA ILE B 42 3.70 -5.74 26.13
C ILE B 42 4.78 -6.39 25.27
N GLN B 43 5.10 -7.65 25.58
CA GLN B 43 6.12 -8.41 24.84
C GLN B 43 5.79 -8.53 23.37
N SER B 44 4.50 -8.55 23.05
CA SER B 44 4.08 -8.64 21.67
C SER B 44 4.23 -7.33 20.91
N GLY B 45 4.37 -6.21 21.65
CA GLY B 45 4.54 -4.90 21.02
C GLY B 45 3.63 -3.74 21.45
N MET B 46 2.87 -3.91 22.53
CA MET B 46 2.01 -2.84 23.05
C MET B 46 2.82 -1.74 23.70
N SER B 47 2.51 -0.50 23.33
CA SER B 47 3.13 0.67 23.94
C SER B 47 2.13 1.42 24.81
N VAL B 48 0.85 1.30 24.45
CA VAL B 48 -0.22 2.06 25.09
C VAL B 48 -1.47 1.20 25.33
N ALA B 49 -1.85 1.07 26.61
CA ALA B 49 -3.11 0.45 27.02
C ALA B 49 -4.30 1.44 26.92
N ARG B 50 -5.31 1.08 26.13
CA ARG B 50 -6.53 1.89 25.99
C ARG B 50 -7.74 1.27 26.71
N MET B 51 -8.36 2.06 27.59
CA MET B 51 -9.60 1.67 28.29
C MET B 51 -10.79 2.31 27.57
N ASN B 52 -11.70 1.49 27.07
CA ASN B 52 -12.89 2.04 26.44
C ASN B 52 -13.92 2.31 27.53
N PHE B 53 -14.12 3.58 27.89
CA PHE B 53 -15.07 3.94 28.95
C PHE B 53 -16.53 3.91 28.50
N SER B 54 -16.77 3.33 27.33
CA SER B 54 -18.12 3.03 26.86
C SER B 54 -18.64 1.77 27.55
N HIS B 55 -17.74 1.05 28.22
CA HIS B 55 -18.10 -0.20 28.88
C HIS B 55 -17.39 -0.28 30.21
N GLY B 56 -18.00 -1.02 31.14
CA GLY B 56 -17.36 -1.27 32.42
C GLY B 56 -17.42 -0.11 33.38
N SER B 57 -17.39 -0.44 34.67
CA SER B 57 -17.49 0.53 35.74
C SER B 57 -16.12 1.13 36.01
N HIS B 58 -16.05 2.06 36.96
CA HIS B 58 -14.77 2.62 37.42
C HIS B 58 -13.95 1.55 38.10
N GLU B 59 -14.61 0.53 38.62
CA GLU B 59 -13.92 -0.57 39.29
C GLU B 59 -13.21 -1.47 38.26
N TYR B 60 -13.87 -1.72 37.14
CA TYR B 60 -13.33 -2.50 36.05
C TYR B 60 -12.05 -1.83 35.52
N HIS B 61 -12.20 -0.56 35.18
CA HIS B 61 -11.11 0.25 34.66
C HIS B 61 -10.01 0.46 35.66
N GLN B 62 -10.36 0.63 36.94
CA GLN B 62 -9.34 0.69 37.99
C GLN B 62 -8.48 -0.58 37.98
N THR B 63 -9.11 -1.71 37.68
CA THR B 63 -8.41 -2.99 37.61
C THR B 63 -7.46 -3.02 36.39
N THR B 64 -7.91 -2.46 35.28
CA THR B 64 -7.07 -2.31 34.11
C THR B 64 -5.79 -1.53 34.49
N ILE B 65 -5.96 -0.34 35.06
CA ILE B 65 -4.86 0.52 35.50
C ILE B 65 -3.86 -0.19 36.41
N ASN B 66 -4.37 -0.88 37.43
CA ASN B 66 -3.49 -1.56 38.39
C ASN B 66 -2.68 -2.70 37.74
N ASN B 67 -3.36 -3.49 36.91
CA ASN B 67 -2.72 -4.62 36.27
C ASN B 67 -1.67 -4.22 35.23
N VAL B 68 -2.00 -3.20 34.43
CA VAL B 68 -1.06 -2.56 33.53
C VAL B 68 0.19 -2.09 34.28
N ARG B 69 0.00 -1.35 35.36
CA ARG B 69 1.14 -0.91 36.16
C ARG B 69 2.00 -2.08 36.65
N GLN B 70 1.35 -3.15 37.09
CA GLN B 70 2.08 -4.31 37.63
C GLN B 70 2.83 -5.04 36.53
N ALA B 71 2.14 -5.27 35.42
CA ALA B 71 2.74 -5.94 34.26
C ALA B 71 3.96 -5.18 33.75
N ALA B 72 3.86 -3.86 33.63
CA ALA B 72 4.96 -3.05 33.14
C ALA B 72 6.12 -3.08 34.09
N ALA B 73 5.86 -2.76 35.36
CA ALA B 73 6.95 -2.73 36.34
C ALA B 73 7.66 -4.09 36.46
N GLU B 74 6.89 -5.19 36.38
CA GLU B 74 7.50 -6.53 36.38
C GLU B 74 8.41 -6.76 35.18
N LEU B 75 8.12 -6.09 34.06
CA LEU B 75 8.93 -6.22 32.84
C LEU B 75 9.99 -5.13 32.68
N GLY B 76 9.91 -4.10 33.52
CA GLY B 76 10.93 -3.05 33.54
C GLY B 76 10.78 -2.04 32.41
N VAL B 77 9.57 -1.94 31.86
CA VAL B 77 9.26 -0.94 30.83
C VAL B 77 8.21 0.04 31.33
N ASN B 78 7.90 1.05 30.51
CA ASN B 78 6.91 2.06 30.81
C ASN B 78 5.77 2.03 29.81
N ILE B 79 4.55 1.83 30.29
CA ILE B 79 3.41 1.74 29.39
C ILE B 79 2.45 2.89 29.65
N ALA B 80 2.04 3.56 28.58
CA ALA B 80 1.05 4.62 28.69
C ALA B 80 -0.37 4.07 28.92
N ILE B 81 -1.13 4.79 29.75
CA ILE B 81 -2.56 4.52 29.97
C ILE B 81 -3.45 5.64 29.41
N ALA B 82 -4.45 5.25 28.61
CA ALA B 82 -5.31 6.21 27.94
C ALA B 82 -6.78 5.96 28.26
N LEU B 83 -7.52 7.04 28.51
CA LEU B 83 -8.97 6.98 28.74
C LEU B 83 -9.73 7.36 27.51
N ASP B 84 -10.48 6.42 26.94
CA ASP B 84 -11.32 6.73 25.80
C ASP B 84 -12.77 6.96 26.29
N THR B 85 -13.17 8.24 26.34
CA THR B 85 -14.49 8.66 26.84
C THR B 85 -15.64 8.06 26.03
N LYS B 86 -16.78 7.84 26.69
CA LYS B 86 -17.99 7.35 26.03
C LYS B 86 -18.58 8.44 25.12
N GLY B 87 -18.59 9.67 25.61
CA GLY B 87 -19.11 10.78 24.81
C GLY B 87 -20.63 10.87 24.61
N PRO B 88 -21.10 12.02 24.09
CA PRO B 88 -22.51 12.32 23.80
C PRO B 88 -23.28 11.18 23.11
N ASP B 184 -25.51 16.80 10.95
CA ASP B 184 -24.83 18.07 11.15
C ASP B 184 -25.11 18.68 12.53
N VAL B 185 -25.49 17.84 13.50
CA VAL B 185 -26.03 18.28 14.80
C VAL B 185 -24.96 18.65 15.84
N ASP B 186 -25.39 19.28 16.93
CA ASP B 186 -24.50 19.63 18.05
C ASP B 186 -25.10 19.32 19.43
N LEU B 187 -24.58 18.28 20.06
CA LEU B 187 -24.80 18.02 21.48
C LEU B 187 -23.60 18.64 22.20
N PRO B 188 -23.61 18.69 23.56
CA PRO B 188 -22.42 19.24 24.23
C PRO B 188 -21.17 18.40 23.98
N ALA B 189 -20.00 18.96 24.30
CA ALA B 189 -18.70 18.32 24.07
C ALA B 189 -18.53 17.06 24.93
N VAL B 190 -18.41 17.27 26.23
CA VAL B 190 -18.42 16.19 27.19
C VAL B 190 -19.84 16.03 27.75
N SER B 191 -20.22 14.79 27.99
CA SER B 191 -21.44 14.49 28.73
C SER B 191 -21.15 14.56 30.23
N ALA B 192 -22.21 14.42 31.03
CA ALA B 192 -22.09 14.38 32.48
C ALA B 192 -21.21 13.22 32.93
N LYS B 193 -21.47 12.03 32.36
CA LYS B 193 -20.64 10.85 32.61
C LYS B 193 -19.18 11.12 32.24
N ASP B 194 -18.97 11.73 31.08
CA ASP B 194 -17.61 12.06 30.61
C ASP B 194 -16.88 12.88 31.65
N ARG B 195 -17.57 13.90 32.18
CA ARG B 195 -17.02 14.80 33.19
C ARG B 195 -16.64 14.04 34.47
N VAL B 196 -17.50 13.11 34.88
CA VAL B 196 -17.22 12.27 36.03
C VAL B 196 -16.01 11.38 35.76
N ASP B 197 -16.05 10.71 34.61
CA ASP B 197 -14.97 9.83 34.14
C ASP B 197 -13.59 10.51 34.07
N LEU B 198 -13.57 11.70 33.47
CA LEU B 198 -12.32 12.47 33.33
C LEU B 198 -11.71 12.82 34.68
N GLN B 199 -12.54 13.22 35.63
CA GLN B 199 -12.09 13.50 37.00
C GLN B 199 -11.44 12.25 37.62
N PHE B 200 -12.07 11.11 37.41
CA PHE B 200 -11.54 9.81 37.85
C PHE B 200 -10.16 9.53 37.26
N GLY B 201 -10.03 9.72 35.94
CA GLY B 201 -8.76 9.60 35.24
C GLY B 201 -7.62 10.42 35.84
N VAL B 202 -7.93 11.67 36.21
CA VAL B 202 -6.96 12.53 36.87
C VAL B 202 -6.52 11.95 38.23
N GLU B 203 -7.47 11.54 39.07
CA GLU B 203 -7.14 10.95 40.37
C GLU B 203 -6.23 9.75 40.20
N GLN B 204 -6.55 8.94 39.20
CA GLN B 204 -5.79 7.74 38.93
C GLN B 204 -4.46 8.00 38.21
N GLY B 205 -4.35 9.14 37.55
CA GLY B 205 -3.07 9.54 36.95
C GLY B 205 -2.86 8.98 35.57
N VAL B 206 -3.94 8.93 34.78
CA VAL B 206 -3.86 8.49 33.39
C VAL B 206 -3.01 9.47 32.56
N ASP B 207 -2.52 9.00 31.43
CA ASP B 207 -1.49 9.72 30.69
C ASP B 207 -2.07 10.61 29.58
N MET B 208 -3.25 10.24 29.10
CA MET B 208 -3.87 10.90 27.95
C MET B 208 -5.35 10.56 27.87
N ILE B 209 -6.11 11.44 27.22
CA ILE B 209 -7.54 11.23 26.98
C ILE B 209 -7.76 10.99 25.50
N PHE B 210 -8.60 10.04 25.14
CA PHE B 210 -9.12 10.00 23.78
C PHE B 210 -10.54 10.59 23.75
N ALA B 211 -10.64 11.88 23.45
CA ALA B 211 -11.90 12.61 23.50
C ALA B 211 -12.81 12.28 22.34
N SER B 212 -13.88 11.55 22.60
CA SER B 212 -14.84 11.17 21.56
C SER B 212 -15.55 12.35 20.90
N PHE B 213 -15.94 12.12 19.65
CA PHE B 213 -16.87 12.97 18.92
C PHE B 213 -16.55 14.48 18.90
N ILE B 214 -15.26 14.85 18.89
CA ILE B 214 -14.87 16.26 18.83
C ILE B 214 -15.25 16.87 17.47
N ARG B 215 -15.93 18.02 17.51
CA ARG B 215 -16.49 18.65 16.31
C ARG B 215 -16.00 20.07 16.10
N SER B 216 -15.39 20.66 17.13
CA SER B 216 -14.87 22.02 17.05
C SER B 216 -13.86 22.33 18.16
N ALA B 217 -13.21 23.49 18.04
CA ALA B 217 -12.03 23.85 18.86
C ALA B 217 -12.28 24.16 20.34
N GLU B 218 -13.41 24.81 20.64
CA GLU B 218 -13.74 25.14 22.04
C GLU B 218 -14.12 23.89 22.85
N GLN B 219 -14.70 22.91 22.15
CA GLN B 219 -14.97 21.58 22.69
C GLN B 219 -13.75 20.94 23.33
N VAL B 220 -12.55 21.31 22.86
CA VAL B 220 -11.29 20.84 23.43
C VAL B 220 -11.02 21.54 24.75
N GLY B 221 -11.22 22.86 24.76
CA GLY B 221 -11.14 23.65 25.99
C GLY B 221 -12.04 23.09 27.08
N ASP B 222 -13.22 22.60 26.68
CA ASP B 222 -14.13 21.94 27.62
C ASP B 222 -13.52 20.69 28.25
N VAL B 223 -12.96 19.80 27.43
CA VAL B 223 -12.27 18.61 27.94
C VAL B 223 -11.18 19.06 28.89
N ARG B 224 -10.44 20.09 28.49
CA ARG B 224 -9.38 20.67 29.31
C ARG B 224 -9.90 21.21 30.66
N LYS B 225 -11.05 21.89 30.63
CA LYS B 225 -11.72 22.40 31.86
C LYS B 225 -12.09 21.26 32.79
N ALA B 226 -12.82 20.27 32.25
CA ALA B 226 -13.24 19.07 32.99
C ALA B 226 -12.10 18.30 33.64
N LEU B 227 -10.88 18.48 33.14
CA LEU B 227 -9.71 17.85 33.74
C LEU B 227 -9.16 18.65 34.90
N GLY B 228 -9.58 19.91 34.98
CA GLY B 228 -9.15 20.80 36.05
C GLY B 228 -7.66 21.08 36.06
N PRO B 229 -7.20 21.85 37.07
CA PRO B 229 -5.79 22.26 37.14
C PRO B 229 -4.85 21.11 37.49
N LYS B 230 -5.40 20.06 38.08
CA LYS B 230 -4.60 18.92 38.49
C LYS B 230 -4.33 17.96 37.32
N GLY B 231 -5.02 18.20 36.21
CA GLY B 231 -4.86 17.39 35.00
C GLY B 231 -4.30 18.18 33.82
N ARG B 232 -3.57 19.26 34.11
CA ARG B 232 -3.06 20.15 33.08
C ARG B 232 -2.01 19.48 32.18
N ASP B 233 -1.24 18.53 32.75
CA ASP B 233 -0.19 17.81 32.02
C ASP B 233 -0.68 16.60 31.21
N ILE B 234 -1.99 16.35 31.22
CA ILE B 234 -2.55 15.18 30.54
C ILE B 234 -2.84 15.51 29.09
N MET B 235 -2.33 14.68 28.18
CA MET B 235 -2.56 14.89 26.74
C MET B 235 -4.01 14.66 26.35
N ILE B 236 -4.54 15.54 25.50
CA ILE B 236 -5.88 15.35 24.95
C ILE B 236 -5.76 15.02 23.47
N ILE B 237 -6.17 13.80 23.13
CA ILE B 237 -6.18 13.36 21.74
C ILE B 237 -7.62 13.38 21.26
N CYS B 238 -7.89 14.14 20.21
CA CYS B 238 -9.25 14.30 19.71
C CYS B 238 -9.63 13.27 18.67
N LYS B 239 -10.74 12.58 18.91
CA LYS B 239 -11.26 11.58 17.98
C LYS B 239 -12.15 12.28 16.97
N ILE B 240 -11.75 12.19 15.70
CA ILE B 240 -12.48 12.82 14.61
C ILE B 240 -13.40 11.76 13.99
N GLU B 241 -14.71 11.94 14.18
CA GLU B 241 -15.70 10.89 13.88
C GLU B 241 -16.76 11.28 12.87
N ASN B 242 -16.83 12.55 12.48
CA ASN B 242 -17.80 13.04 11.49
C ASN B 242 -17.32 14.26 10.67
N HIS B 243 -18.13 14.72 9.71
CA HIS B 243 -17.72 15.80 8.82
C HIS B 243 -17.30 17.11 9.50
N GLN B 244 -17.89 17.41 10.67
CA GLN B 244 -17.55 18.63 11.39
C GLN B 244 -16.12 18.62 11.90
N GLY B 245 -15.68 17.47 12.39
CA GLY B 245 -14.31 17.29 12.83
C GLY B 245 -13.37 17.50 11.65
N VAL B 246 -13.73 16.90 10.52
CA VAL B 246 -12.99 17.08 9.28
C VAL B 246 -12.96 18.55 8.85
N GLN B 247 -14.14 19.17 8.75
CA GLN B 247 -14.26 20.59 8.38
C GLN B 247 -13.44 21.50 9.28
N ASN B 248 -13.54 21.29 10.60
CA ASN B 248 -12.84 22.16 11.55
C ASN B 248 -11.50 21.59 12.00
N ILE B 249 -10.91 20.73 11.18
CA ILE B 249 -9.66 20.04 11.54
C ILE B 249 -8.49 20.95 11.93
N ASP B 250 -8.32 22.06 11.23
CA ASP B 250 -7.19 22.97 11.48
C ASP B 250 -7.19 23.53 12.89
N SER B 251 -8.33 24.06 13.31
CA SER B 251 -8.45 24.71 14.61
C SER B 251 -8.49 23.70 15.76
N ILE B 252 -9.13 22.56 15.51
CA ILE B 252 -9.10 21.41 16.42
C ILE B 252 -7.67 20.91 16.70
N ILE B 253 -6.85 20.78 15.66
CA ILE B 253 -5.45 20.39 15.81
C ILE B 253 -4.68 21.43 16.62
N GLU B 254 -4.94 22.70 16.34
CA GLU B 254 -4.27 23.81 17.04
C GLU B 254 -4.44 23.68 18.55
N GLU B 255 -5.65 23.34 18.98
CA GLU B 255 -5.97 23.26 20.42
C GLU B 255 -5.63 21.92 21.09
N SER B 256 -5.79 20.82 20.35
CA SER B 256 -5.52 19.48 20.90
C SER B 256 -4.03 19.19 21.00
N ASP B 257 -3.72 18.08 21.67
CA ASP B 257 -2.37 17.54 21.70
C ASP B 257 -2.14 16.48 20.61
N GLY B 258 -3.21 16.13 19.91
CA GLY B 258 -3.12 15.14 18.83
C GLY B 258 -4.48 14.75 18.31
N ILE B 259 -4.48 13.85 17.34
CA ILE B 259 -5.70 13.42 16.66
C ILE B 259 -5.77 11.90 16.55
N MET B 260 -6.99 11.38 16.49
CA MET B 260 -7.23 10.00 16.13
C MET B 260 -8.19 10.00 14.98
N VAL B 261 -7.80 9.32 13.89
CA VAL B 261 -8.69 9.13 12.75
C VAL B 261 -9.51 7.88 13.05
N ALA B 262 -10.82 8.07 13.24
CA ALA B 262 -11.71 6.95 13.55
C ALA B 262 -12.41 6.55 12.26
N ARG B 263 -11.71 5.80 11.41
CA ARG B 263 -12.22 5.48 10.07
C ARG B 263 -13.65 4.91 10.07
N GLY B 264 -13.96 4.05 11.03
CA GLY B 264 -15.27 3.37 11.08
C GLY B 264 -16.42 4.32 11.34
N ASP B 265 -16.25 5.15 12.37
CA ASP B 265 -17.20 6.22 12.69
C ASP B 265 -17.40 7.17 11.52
N LEU B 266 -16.30 7.67 10.95
CA LEU B 266 -16.36 8.52 9.77
C LEU B 266 -17.12 7.86 8.60
N GLY B 267 -17.02 6.54 8.49
CA GLY B 267 -17.62 5.81 7.35
C GLY B 267 -19.14 5.68 7.32
N VAL B 268 -19.80 6.02 8.42
CA VAL B 268 -21.27 5.97 8.51
C VAL B 268 -21.91 7.03 7.60
N GLU B 269 -21.38 8.26 7.62
CA GLU B 269 -21.87 9.36 6.76
C GLU B 269 -21.10 9.49 5.44
N ILE B 270 -19.78 9.35 5.51
CA ILE B 270 -18.88 9.63 4.38
C ILE B 270 -18.57 8.35 3.61
N PRO B 271 -18.70 8.36 2.27
CA PRO B 271 -18.33 7.17 1.49
C PRO B 271 -16.89 6.72 1.77
N ALA B 272 -16.66 5.41 1.73
CA ALA B 272 -15.37 4.81 2.13
C ALA B 272 -14.13 5.45 1.46
N GLU B 273 -14.21 5.66 0.16
CA GLU B 273 -13.13 6.23 -0.64
C GLU B 273 -12.74 7.62 -0.17
N LYS B 274 -13.68 8.34 0.41
CA LYS B 274 -13.41 9.66 0.94
C LYS B 274 -12.79 9.63 2.31
N VAL B 275 -13.10 8.59 3.09
CA VAL B 275 -12.46 8.40 4.40
C VAL B 275 -10.97 8.15 4.17
N VAL B 276 -10.66 7.28 3.22
CA VAL B 276 -9.26 7.02 2.84
C VAL B 276 -8.49 8.33 2.63
N VAL B 277 -9.06 9.19 1.78
CA VAL B 277 -8.51 10.50 1.50
C VAL B 277 -8.47 11.42 2.72
N ALA B 278 -9.50 11.36 3.57
CA ALA B 278 -9.50 12.18 4.78
C ALA B 278 -8.42 11.71 5.73
N GLN B 279 -8.22 10.39 5.78
CA GLN B 279 -7.08 9.81 6.52
C GLN B 279 -5.77 10.47 6.07
N LYS B 280 -5.54 10.58 4.76
CA LYS B 280 -4.30 11.20 4.24
C LYS B 280 -4.14 12.61 4.76
N ILE B 281 -5.23 13.37 4.64
CA ILE B 281 -5.31 14.77 5.04
C ILE B 281 -4.95 14.93 6.50
N LEU B 282 -5.66 14.22 7.37
CA LEU B 282 -5.52 14.42 8.82
C LEU B 282 -4.13 14.04 9.29
N ILE B 283 -3.63 12.92 8.79
CA ILE B 283 -2.29 12.45 9.15
C ILE B 283 -1.25 13.50 8.77
N SER B 284 -1.30 13.97 7.52
CA SER B 284 -0.34 14.99 7.05
C SER B 284 -0.44 16.32 7.81
N LYS B 285 -1.67 16.78 8.09
CA LYS B 285 -1.83 17.98 8.91
C LYS B 285 -1.21 17.83 10.30
N CYS B 286 -1.36 16.67 10.91
CA CYS B 286 -0.73 16.39 12.20
C CYS B 286 0.78 16.25 12.15
N ASN B 287 1.29 15.60 11.11
CA ASN B 287 2.75 15.49 10.90
C ASN B 287 3.33 16.90 10.86
N VAL B 288 2.68 17.78 10.09
CA VAL B 288 3.10 19.16 9.95
C VAL B 288 3.02 19.91 11.27
N ALA B 289 1.89 19.78 11.97
CA ALA B 289 1.72 20.40 13.29
C ALA B 289 2.69 19.83 14.31
N GLY B 290 3.15 18.60 14.09
CA GLY B 290 4.15 18.01 14.99
C GLY B 290 3.51 17.29 16.16
N LYS B 291 2.25 16.91 16.00
CA LYS B 291 1.48 16.27 17.07
C LYS B 291 1.11 14.83 16.67
N PRO B 292 1.10 13.92 17.66
CA PRO B 292 0.80 12.50 17.41
C PRO B 292 -0.50 12.30 16.67
N VAL B 293 -0.57 11.29 15.81
CA VAL B 293 -1.83 10.92 15.19
C VAL B 293 -1.97 9.40 15.14
N ILE B 294 -3.20 8.97 15.46
CA ILE B 294 -3.54 7.57 15.62
C ILE B 294 -4.50 7.19 14.50
N CYS B 295 -4.21 6.08 13.85
CA CYS B 295 -5.10 5.55 12.85
C CYS B 295 -5.85 4.44 13.58
N ALA B 296 -7.19 4.49 13.59
CA ALA B 296 -7.98 3.64 14.50
C ALA B 296 -9.26 3.07 13.90
N THR B 297 -9.78 2.02 14.53
CA THR B 297 -10.93 1.23 14.04
C THR B 297 -10.63 0.48 12.74
N GLN B 298 -11.17 -0.74 12.65
CA GLN B 298 -11.17 -1.54 11.42
C GLN B 298 -9.76 -1.86 10.90
N MET B 299 -8.84 -2.16 11.82
CA MET B 299 -7.43 -2.33 11.48
C MET B 299 -7.14 -3.75 10.96
N LEU B 300 -7.25 -4.71 11.86
CA LEU B 300 -7.03 -6.12 11.54
C LEU B 300 -8.20 -6.90 12.10
N GLU B 301 -9.41 -6.43 11.81
CA GLU B 301 -10.61 -6.90 12.51
C GLU B 301 -10.90 -8.39 12.36
N SER B 302 -10.75 -8.93 11.15
CA SER B 302 -11.04 -10.33 10.90
C SER B 302 -10.18 -11.23 11.79
N MET B 303 -9.11 -10.68 12.33
CA MET B 303 -8.22 -11.42 13.21
C MET B 303 -8.74 -11.45 14.68
N THR B 304 -9.95 -10.95 14.90
CA THR B 304 -10.62 -11.06 16.21
C THR B 304 -11.03 -12.52 16.45
N TYR B 305 -11.42 -13.21 15.37
CA TYR B 305 -11.84 -14.60 15.44
C TYR B 305 -11.12 -15.53 14.45
N ASN B 306 -10.39 -14.96 13.50
CA ASN B 306 -9.52 -15.74 12.59
C ASN B 306 -8.05 -15.65 13.00
N PRO B 307 -7.28 -16.76 12.81
CA PRO B 307 -5.87 -16.77 13.19
C PRO B 307 -4.98 -15.87 12.33
N ARG B 308 -5.45 -15.52 11.13
CA ARG B 308 -4.71 -14.61 10.25
C ARG B 308 -5.70 -13.64 9.61
N PRO B 309 -5.26 -12.40 9.29
CA PRO B 309 -6.14 -11.39 8.69
C PRO B 309 -6.20 -11.48 7.17
N THR B 310 -7.02 -10.64 6.54
CA THR B 310 -7.05 -10.59 5.09
C THR B 310 -5.89 -9.76 4.56
N ARG B 311 -5.55 -10.02 3.32
CA ARG B 311 -4.48 -9.33 2.66
C ARG B 311 -4.78 -7.83 2.62
N ALA B 312 -6.05 -7.46 2.38
CA ALA B 312 -6.47 -6.06 2.33
C ALA B 312 -6.28 -5.35 3.67
N GLU B 313 -6.59 -6.06 4.75
CA GLU B 313 -6.37 -5.56 6.09
C GLU B 313 -4.89 -5.29 6.33
N VAL B 314 -4.04 -6.13 5.74
CA VAL B 314 -2.60 -6.01 5.87
C VAL B 314 -2.14 -4.73 5.18
N SER B 315 -2.58 -4.49 3.95
CA SER B 315 -2.16 -3.25 3.28
C SER B 315 -2.75 -2.01 3.92
N ASP B 316 -3.93 -2.13 4.53
CA ASP B 316 -4.48 -1.03 5.30
C ASP B 316 -3.50 -0.55 6.37
N VAL B 317 -3.04 -1.44 7.23
CA VAL B 317 -2.06 -1.09 8.27
C VAL B 317 -0.75 -0.50 7.68
N ALA B 318 -0.21 -1.16 6.65
CA ALA B 318 1.01 -0.68 6.01
C ALA B 318 0.80 0.71 5.43
N ASN B 319 -0.31 0.92 4.72
CA ASN B 319 -0.61 2.23 4.16
C ASN B 319 -0.88 3.33 5.18
N ALA B 320 -1.40 2.95 6.34
CA ALA B 320 -1.47 3.90 7.45
C ALA B 320 -0.07 4.38 7.83
N VAL B 321 0.88 3.46 7.98
CA VAL B 321 2.28 3.83 8.26
C VAL B 321 2.84 4.72 7.15
N PHE B 322 2.67 4.32 5.89
CA PHE B 322 3.07 5.15 4.73
C PHE B 322 2.42 6.53 4.70
N ASN B 323 1.14 6.63 5.12
CA ASN B 323 0.46 7.93 5.18
C ASN B 323 1.21 8.85 6.15
N GLY B 324 1.77 8.25 7.19
CA GLY B 324 2.53 9.00 8.20
C GLY B 324 2.03 8.90 9.63
N ALA B 325 1.13 7.95 9.90
CA ALA B 325 0.58 7.75 11.24
C ALA B 325 1.68 7.41 12.25
N ASP B 326 1.59 8.00 13.45
CA ASP B 326 2.52 7.70 14.55
C ASP B 326 2.17 6.35 15.13
N CYS B 327 0.87 6.07 15.12
CA CYS B 327 0.27 5.01 15.92
C CYS B 327 -0.77 4.32 15.12
N VAL B 328 -0.93 3.04 15.40
CA VAL B 328 -2.00 2.20 14.87
C VAL B 328 -2.70 1.57 16.08
N MET B 329 -4.01 1.37 15.99
CA MET B 329 -4.80 0.99 17.17
C MET B 329 -5.58 -0.29 17.01
N LEU B 330 -5.52 -1.14 18.03
CA LEU B 330 -6.36 -2.34 18.07
C LEU B 330 -7.52 -2.16 19.07
N SER B 331 -8.72 -2.47 18.61
CA SER B 331 -9.93 -2.40 19.42
C SER B 331 -10.38 -3.80 19.86
N GLY B 332 -11.40 -4.35 19.22
CA GLY B 332 -11.93 -5.67 19.56
C GLY B 332 -10.90 -6.78 19.47
N GLU B 333 -9.88 -6.59 18.63
CA GLU B 333 -8.87 -7.60 18.38
C GLU B 333 -8.13 -7.99 19.64
N THR B 334 -7.97 -7.04 20.56
CA THR B 334 -7.27 -7.31 21.81
C THR B 334 -8.21 -7.31 23.03
N ALA B 335 -9.30 -6.54 22.97
CA ALA B 335 -10.26 -6.46 24.09
C ALA B 335 -11.05 -7.76 24.28
N LYS B 336 -11.65 -8.27 23.21
CA LYS B 336 -12.47 -9.47 23.30
C LYS B 336 -11.99 -10.55 22.31
N GLY B 337 -10.87 -10.30 21.64
CA GLY B 337 -10.36 -11.21 20.62
C GLY B 337 -9.88 -12.57 21.09
N LYS B 338 -9.68 -13.48 20.15
CA LYS B 338 -9.21 -14.82 20.42
C LYS B 338 -7.69 -14.94 20.30
N TYR B 339 -7.06 -13.98 19.63
CA TYR B 339 -5.65 -14.07 19.29
C TYR B 339 -4.90 -12.81 19.65
N PRO B 340 -5.09 -12.31 20.89
CA PRO B 340 -4.61 -10.96 21.16
C PRO B 340 -3.11 -10.78 20.90
N ASN B 341 -2.29 -11.73 21.36
CA ASN B 341 -0.84 -11.63 21.19
C ASN B 341 -0.47 -11.73 19.71
N GLU B 342 -1.07 -12.69 19.02
CA GLU B 342 -0.78 -12.89 17.61
C GLU B 342 -1.10 -11.64 16.78
N VAL B 343 -2.23 -10.97 17.06
CA VAL B 343 -2.61 -9.76 16.33
C VAL B 343 -1.60 -8.61 16.54
N VAL B 344 -1.11 -8.45 17.75
CA VAL B 344 -0.18 -7.39 18.07
C VAL B 344 1.16 -7.68 17.36
N GLN B 345 1.69 -8.88 17.56
CA GLN B 345 2.91 -9.31 16.93
C GLN B 345 2.88 -9.14 15.42
N TYR B 346 1.72 -9.41 14.82
CA TYR B 346 1.54 -9.23 13.39
C TYR B 346 1.51 -7.76 13.00
N MET B 347 0.80 -6.95 13.80
CA MET B 347 0.77 -5.54 13.54
C MET B 347 2.17 -4.93 13.55
N ALA B 348 2.96 -5.33 14.55
CA ALA B 348 4.36 -4.96 14.66
C ALA B 348 5.17 -5.37 13.43
N ARG B 349 4.94 -6.58 12.92
CA ARG B 349 5.68 -7.10 11.78
C ARG B 349 5.30 -6.30 10.52
N ILE B 350 4.03 -5.96 10.37
CA ILE B 350 3.58 -5.18 9.23
C ILE B 350 4.22 -3.81 9.25
N CYS B 351 4.30 -3.21 10.45
CA CYS B 351 4.83 -1.87 10.62
C CYS B 351 6.33 -1.84 10.31
N LEU B 352 7.05 -2.84 10.81
CA LEU B 352 8.49 -2.94 10.60
C LEU B 352 8.78 -3.07 9.11
N GLU B 353 8.04 -3.96 8.45
CA GLU B 353 8.16 -4.12 7.00
C GLU B 353 7.86 -2.83 6.21
N ALA B 354 6.84 -2.08 6.61
CA ALA B 354 6.44 -0.87 5.89
C ALA B 354 7.53 0.19 6.02
N GLN B 355 8.08 0.28 7.22
CA GLN B 355 9.11 1.23 7.57
C GLN B 355 10.42 1.03 6.80
N SER B 356 10.75 -0.22 6.49
CA SER B 356 11.91 -0.55 5.66
C SER B 356 11.68 0.03 4.28
N ALA B 357 10.42 0.09 3.86
CA ALA B 357 10.10 0.60 2.54
C ALA B 357 9.95 2.13 2.53
N LEU B 358 9.71 2.72 3.71
CA LEU B 358 9.40 4.15 3.80
C LEU B 358 10.65 5.02 3.70
N ASN B 359 10.62 6.01 2.84
CA ASN B 359 11.65 7.03 2.79
C ASN B 359 11.36 8.20 3.73
N GLU B 360 12.07 8.26 4.86
CA GLU B 360 11.87 9.29 5.88
C GLU B 360 12.30 10.69 5.38
N TYR B 361 13.29 10.73 4.49
CA TYR B 361 13.79 11.97 3.92
C TYR B 361 12.72 12.78 3.15
N VAL B 362 11.80 12.08 2.50
CA VAL B 362 10.67 12.72 1.85
C VAL B 362 9.86 13.53 2.89
N PHE B 363 9.65 12.95 4.07
CA PHE B 363 8.96 13.61 5.15
C PHE B 363 9.75 14.79 5.67
N PHE B 364 11.02 14.55 5.98
CA PHE B 364 11.87 15.59 6.52
C PHE B 364 11.86 16.84 5.65
N ASN B 365 11.99 16.59 4.35
CA ASN B 365 12.19 17.62 3.37
C ASN B 365 10.90 18.37 3.10
N SER B 366 9.81 17.62 2.93
CA SER B 366 8.48 18.18 2.74
C SER B 366 8.07 19.09 3.90
N ILE B 367 8.30 18.63 5.13
CA ILE B 367 7.98 19.41 6.34
C ILE B 367 8.90 20.61 6.50
N LYS B 368 10.18 20.45 6.16
CA LYS B 368 11.14 21.55 6.20
C LYS B 368 10.77 22.68 5.22
N LYS B 369 10.40 22.32 3.98
CA LYS B 369 10.02 23.28 2.94
C LYS B 369 8.85 24.16 3.34
N LEU B 370 8.18 23.77 4.43
CA LEU B 370 6.97 24.43 4.87
C LEU B 370 7.23 25.44 5.98
N GLN B 371 8.40 25.35 6.61
CA GLN B 371 8.77 26.26 7.68
C GLN B 371 8.95 27.68 7.16
N HIS B 372 8.31 28.61 7.85
CA HIS B 372 8.42 30.03 7.53
C HIS B 372 9.74 30.59 8.04
N ILE B 373 10.34 31.47 7.25
CA ILE B 373 11.63 32.06 7.57
C ILE B 373 11.37 33.50 8.02
N PRO B 374 11.90 33.89 9.20
CA PRO B 374 12.80 33.12 10.03
C PRO B 374 12.08 32.10 10.90
N MET B 375 12.77 31.01 11.22
CA MET B 375 12.29 30.03 12.17
C MET B 375 12.61 30.52 13.57
N SER B 376 11.88 30.06 14.58
CA SER B 376 12.31 30.30 15.95
C SER B 376 13.44 29.30 16.23
N ALA B 377 14.14 29.52 17.33
CA ALA B 377 15.33 28.75 17.66
C ALA B 377 15.09 27.26 17.85
N ASP B 378 13.99 26.90 18.50
CA ASP B 378 13.72 25.49 18.83
C ASP B 378 13.50 24.71 17.54
N GLU B 379 12.77 25.35 16.63
CA GLU B 379 12.45 24.80 15.34
C GLU B 379 13.72 24.59 14.55
N ALA B 380 14.54 25.63 14.46
CA ALA B 380 15.77 25.61 13.68
C ALA B 380 16.76 24.57 14.19
N VAL B 381 16.90 24.49 15.52
CA VAL B 381 17.82 23.54 16.11
C VAL B 381 17.41 22.11 15.75
N CYS B 382 16.11 21.82 15.82
CA CYS B 382 15.62 20.46 15.63
C CYS B 382 15.67 20.03 14.18
N SER B 383 15.19 20.87 13.28
CA SER B 383 15.29 20.58 11.85
C SER B 383 16.76 20.35 11.41
N SER B 384 17.66 21.22 11.85
CA SER B 384 19.05 21.13 11.42
C SER B 384 19.78 19.99 12.12
N ALA B 385 19.26 19.58 13.29
CA ALA B 385 19.78 18.38 13.96
C ALA B 385 19.47 17.14 13.15
N VAL B 386 18.24 17.08 12.63
CA VAL B 386 17.85 15.95 11.79
C VAL B 386 18.61 16.05 10.47
N ASN B 387 18.71 17.27 9.94
CA ASN B 387 19.53 17.48 8.76
C ASN B 387 20.92 16.90 8.90
N SER B 388 21.52 17.03 10.09
CA SER B 388 22.88 16.53 10.35
C SER B 388 22.96 15.02 10.40
N VAL B 389 21.83 14.37 10.73
CA VAL B 389 21.76 12.92 10.74
C VAL B 389 21.97 12.46 9.31
N TYR B 390 21.28 13.13 8.40
CA TYR B 390 21.29 12.77 6.99
C TYR B 390 22.65 13.05 6.34
N GLU B 391 23.21 14.22 6.64
CA GLU B 391 24.47 14.62 6.06
C GLU B 391 25.65 13.83 6.57
N THR B 392 25.64 13.43 7.84
CA THR B 392 26.75 12.63 8.39
C THR B 392 26.45 11.14 8.48
N LYS B 393 25.23 10.76 8.08
CA LYS B 393 24.72 9.39 8.23
C LYS B 393 24.85 8.87 9.67
N ALA B 394 24.42 9.70 10.61
CA ALA B 394 24.46 9.31 12.02
C ALA B 394 23.49 8.14 12.21
N LYS B 395 23.79 7.28 13.19
CA LYS B 395 23.07 6.02 13.41
C LYS B 395 22.08 6.08 14.58
N ALA B 396 22.05 7.21 15.28
CA ALA B 396 21.12 7.42 16.38
C ALA B 396 21.11 8.89 16.80
N MET B 397 19.97 9.37 17.31
CA MET B 397 19.91 10.67 17.98
C MET B 397 19.67 10.50 19.48
N VAL B 398 20.20 11.42 20.28
CA VAL B 398 19.94 11.42 21.72
C VAL B 398 19.35 12.77 22.09
N VAL B 399 18.10 12.78 22.57
CA VAL B 399 17.43 14.03 22.93
C VAL B 399 17.16 14.10 24.44
N LEU B 400 17.62 15.17 25.05
CA LEU B 400 17.34 15.46 26.44
C LEU B 400 16.08 16.30 26.51
N SER B 401 15.04 15.74 27.11
CA SER B 401 13.74 16.39 27.18
C SER B 401 13.10 16.04 28.51
N ASN B 402 12.56 17.06 29.18
CA ASN B 402 11.89 16.84 30.46
C ASN B 402 10.40 16.62 30.31
N THR B 403 9.78 17.37 29.41
CA THR B 403 8.35 17.29 29.17
C THR B 403 7.99 16.54 27.87
N GLY B 404 9.03 16.10 27.15
CA GLY B 404 8.85 15.43 25.86
C GLY B 404 8.68 16.36 24.66
N ARG B 405 8.61 17.65 24.93
CA ARG B 405 8.36 18.63 23.89
C ARG B 405 9.40 18.57 22.74
N SER B 406 10.67 18.62 23.09
CA SER B 406 11.69 18.67 22.06
C SER B 406 11.89 17.28 21.44
N ALA B 407 11.46 16.24 22.14
CA ALA B 407 11.42 14.89 21.59
C ALA B 407 10.42 14.79 20.43
N ARG B 408 9.22 15.34 20.62
CA ARG B 408 8.22 15.39 19.55
C ARG B 408 8.63 16.33 18.41
N LEU B 409 9.45 17.32 18.74
CA LEU B 409 9.91 18.30 17.76
C LEU B 409 10.94 17.65 16.81
N VAL B 410 11.90 16.95 17.39
CA VAL B 410 12.82 16.14 16.62
C VAL B 410 12.08 15.05 15.81
N ALA B 411 11.15 14.32 16.44
CA ALA B 411 10.45 13.23 15.76
C ALA B 411 9.64 13.68 14.55
N LYS B 412 9.10 14.88 14.63
CA LYS B 412 8.39 15.52 13.53
C LYS B 412 9.22 15.55 12.22
N TYR B 413 10.53 15.78 12.36
CA TYR B 413 11.39 15.90 11.21
C TYR B 413 11.87 14.56 10.63
N ARG B 414 11.42 13.47 11.24
CA ARG B 414 11.61 12.13 10.71
C ARG B 414 13.07 11.82 10.32
N PRO B 415 13.96 11.68 11.31
CA PRO B 415 15.30 11.21 10.96
C PRO B 415 15.23 9.74 10.53
N ASN B 416 16.28 9.24 9.88
CA ASN B 416 16.28 7.84 9.47
C ASN B 416 17.04 6.93 10.45
N CYS B 417 17.07 7.34 11.70
CA CYS B 417 17.69 6.57 12.75
C CYS B 417 16.77 6.66 13.97
N PRO B 418 16.96 5.75 14.95
CA PRO B 418 16.23 5.82 16.21
C PRO B 418 16.52 7.11 16.96
N ILE B 419 15.53 7.58 17.72
CA ILE B 419 15.69 8.74 18.59
C ILE B 419 15.58 8.20 20.01
N VAL B 420 16.60 8.46 20.83
CA VAL B 420 16.60 8.06 22.21
C VAL B 420 16.35 9.31 23.04
N CYS B 421 15.24 9.34 23.76
CA CYS B 421 14.93 10.46 24.63
C CYS B 421 15.27 10.14 26.08
N VAL B 422 16.13 10.96 26.66
CA VAL B 422 16.51 10.84 28.06
C VAL B 422 15.73 11.90 28.84
N THR B 423 15.09 11.45 29.93
CA THR B 423 14.13 12.29 30.65
C THR B 423 14.08 12.00 32.15
N THR B 424 13.78 13.06 32.91
CA THR B 424 13.71 12.96 34.38
C THR B 424 12.29 12.66 34.89
N ARG B 425 11.32 12.64 33.99
CA ARG B 425 9.92 12.42 34.35
C ARG B 425 9.36 11.15 33.70
N LEU B 426 9.08 10.12 34.51
CA LEU B 426 8.48 8.87 34.03
C LEU B 426 7.20 9.09 33.23
N GLN B 427 6.47 10.15 33.52
CA GLN B 427 5.31 10.46 32.71
C GLN B 427 5.68 10.76 31.25
N THR B 428 6.85 11.35 31.03
CA THR B 428 7.30 11.65 29.67
C THR B 428 7.55 10.36 28.91
N CYS B 429 8.17 9.38 29.58
CA CYS B 429 8.34 8.06 28.99
C CYS B 429 7.01 7.48 28.51
N ARG B 430 6.00 7.53 29.36
CA ARG B 430 4.70 6.99 29.01
C ARG B 430 4.08 7.79 27.86
N GLN B 431 4.16 9.12 27.94
CA GLN B 431 3.52 9.95 26.95
C GLN B 431 4.17 9.88 25.57
N LEU B 432 5.50 9.70 25.55
CA LEU B 432 6.22 9.56 24.29
C LEU B 432 5.87 8.27 23.56
N ASN B 433 5.16 7.36 24.22
CA ASN B 433 4.65 6.14 23.56
C ASN B 433 3.64 6.36 22.45
N ILE B 434 3.13 7.58 22.26
CA ILE B 434 2.30 7.85 21.08
C ILE B 434 3.07 8.60 19.98
N THR B 435 4.39 8.74 20.17
CA THR B 435 5.23 9.45 19.20
C THR B 435 6.14 8.46 18.49
N GLN B 436 6.02 8.39 17.16
CA GLN B 436 6.77 7.42 16.37
C GLN B 436 8.28 7.70 16.43
N GLY B 437 9.06 6.63 16.41
CA GLY B 437 10.50 6.72 16.23
C GLY B 437 11.29 7.06 17.47
N VAL B 438 10.60 7.16 18.62
CA VAL B 438 11.21 7.54 19.90
C VAL B 438 11.15 6.42 20.93
N GLU B 439 12.23 6.23 21.67
CA GLU B 439 12.29 5.33 22.81
C GLU B 439 12.83 6.14 23.98
N SER B 440 12.32 5.89 25.19
CA SER B 440 12.67 6.73 26.33
C SER B 440 13.57 6.06 27.35
N VAL B 441 14.41 6.86 27.99
CA VAL B 441 15.23 6.37 29.09
C VAL B 441 14.97 7.29 30.26
N PHE B 442 14.58 6.69 31.38
CA PHE B 442 14.32 7.43 32.58
C PHE B 442 15.66 7.74 33.26
N PHE B 443 15.92 9.03 33.48
CA PHE B 443 17.02 9.45 34.34
C PHE B 443 16.47 9.94 35.69
N ASP B 444 16.75 9.17 36.75
CA ASP B 444 16.29 9.52 38.10
C ASP B 444 17.21 10.54 38.77
N ALA B 445 16.76 11.80 38.78
CA ALA B 445 17.52 12.88 39.41
C ALA B 445 17.67 12.65 40.93
N ASP B 446 16.54 12.39 41.60
CA ASP B 446 16.53 12.12 43.05
C ASP B 446 17.48 11.02 43.49
N LYS B 447 17.93 10.19 42.54
CA LYS B 447 18.83 9.09 42.83
C LYS B 447 20.22 9.30 42.20
N LEU B 448 20.37 10.31 41.33
CA LEU B 448 21.63 10.50 40.61
C LEU B 448 22.07 11.97 40.47
N GLY B 449 21.36 12.88 41.12
CA GLY B 449 21.66 14.31 41.06
C GLY B 449 21.02 14.98 39.87
N HIS B 450 21.03 16.32 39.87
CA HIS B 450 20.38 17.12 38.83
C HIS B 450 21.06 17.10 37.45
N ASP B 451 22.32 16.65 37.42
CA ASP B 451 23.14 16.58 36.19
C ASP B 451 22.90 17.79 35.26
N GLU B 452 23.13 19.00 35.79
CA GLU B 452 22.85 20.24 35.06
C GLU B 452 23.92 20.58 34.03
N GLY B 453 25.01 19.81 34.04
CA GLY B 453 26.03 19.83 32.98
C GLY B 453 25.79 18.76 31.92
N LYS B 454 24.73 17.98 32.11
CA LYS B 454 24.15 17.09 31.11
C LYS B 454 24.98 15.85 30.75
N GLU B 455 26.22 15.76 31.24
CA GLU B 455 27.12 14.66 30.84
C GLU B 455 26.53 13.28 31.10
N HIS B 456 25.97 13.09 32.29
CA HIS B 456 25.50 11.76 32.72
C HIS B 456 24.27 11.30 31.94
N ARG B 457 23.34 12.23 31.71
CA ARG B 457 22.15 11.98 30.91
C ARG B 457 22.54 11.54 29.49
N VAL B 458 23.35 12.37 28.83
CA VAL B 458 23.90 12.05 27.51
C VAL B 458 24.51 10.66 27.49
N ALA B 459 25.31 10.34 28.50
CA ALA B 459 25.98 9.05 28.56
C ALA B 459 24.99 7.87 28.67
N ALA B 460 23.90 8.07 29.40
CA ALA B 460 22.87 7.04 29.54
C ALA B 460 22.16 6.82 28.20
N GLY B 461 21.94 7.90 27.46
CA GLY B 461 21.34 7.82 26.13
C GLY B 461 22.20 7.03 25.16
N VAL B 462 23.50 7.33 25.15
CA VAL B 462 24.42 6.69 24.23
C VAL B 462 24.58 5.23 24.62
N GLU B 463 24.66 4.96 25.92
CA GLU B 463 24.73 3.58 26.41
C GLU B 463 23.49 2.76 25.98
N PHE B 464 22.31 3.37 26.08
CA PHE B 464 21.08 2.74 25.61
C PHE B 464 21.13 2.37 24.12
N ALA B 465 21.54 3.33 23.28
CA ALA B 465 21.72 3.08 21.85
C ALA B 465 22.75 1.98 21.58
N LYS B 466 23.86 2.01 22.33
CA LYS B 466 24.87 0.96 22.21
C LYS B 466 24.23 -0.39 22.51
N SER B 467 23.51 -0.47 23.62
CA SER B 467 22.92 -1.73 24.07
C SER B 467 21.85 -2.26 23.11
N LYS B 468 21.16 -1.35 22.42
CA LYS B 468 20.16 -1.75 21.45
C LYS B 468 20.75 -2.03 20.06
N GLY B 469 22.07 -1.93 19.95
CA GLY B 469 22.78 -2.26 18.72
C GLY B 469 22.69 -1.19 17.65
N TYR B 470 22.21 0.00 18.03
CA TYR B 470 22.05 1.11 17.08
C TYR B 470 23.38 1.74 16.69
N VAL B 471 24.24 1.98 17.68
CA VAL B 471 25.56 2.54 17.43
C VAL B 471 26.64 1.68 18.05
N GLN B 472 27.80 1.67 17.38
CA GLN B 472 29.02 1.11 17.94
C GLN B 472 30.14 2.14 17.80
N THR B 473 31.32 1.78 18.30
CA THR B 473 32.51 2.62 18.14
C THR B 473 32.69 3.05 16.68
N GLY B 474 32.87 4.35 16.49
CA GLY B 474 33.10 4.90 15.15
C GLY B 474 31.85 5.38 14.43
N ASP B 475 30.68 5.05 14.96
CA ASP B 475 29.43 5.60 14.43
C ASP B 475 29.32 7.02 14.95
N TYR B 476 28.62 7.86 14.20
CA TYR B 476 28.24 9.18 14.68
C TYR B 476 26.89 9.11 15.37
N CYS B 477 26.66 10.05 16.28
CA CYS B 477 25.41 10.13 17.03
C CYS B 477 25.11 11.59 17.36
N VAL B 478 23.92 12.05 17.01
CA VAL B 478 23.56 13.47 17.17
C VAL B 478 22.80 13.71 18.48
N VAL B 479 23.37 14.57 19.32
CA VAL B 479 22.81 14.90 20.62
C VAL B 479 22.21 16.30 20.62
N ILE B 480 21.02 16.45 21.19
CA ILE B 480 20.36 17.74 21.30
C ILE B 480 19.69 18.01 22.66
N HIS B 481 20.17 19.04 23.37
CA HIS B 481 19.40 19.59 24.48
CA HIS B 481 19.44 19.62 24.51
C HIS B 481 18.86 20.96 24.11
N ALA B 482 17.52 21.03 23.95
CA ALA B 482 16.79 22.27 23.63
C ALA B 482 15.70 22.57 24.68
N ALA B 490 17.05 27.98 25.83
CA ALA B 490 18.34 27.30 25.87
C ALA B 490 18.35 26.10 24.93
N ASN B 491 19.44 25.89 24.19
CA ASN B 491 19.53 24.77 23.25
C ASN B 491 20.97 24.43 22.82
N GLN B 492 21.16 23.25 22.24
CA GLN B 492 22.50 22.76 21.88
C GLN B 492 22.44 21.53 21.00
N THR B 493 23.13 21.57 19.88
CA THR B 493 23.38 20.37 19.10
C THR B 493 24.83 19.96 19.28
N ARG B 494 25.09 18.67 19.21
CA ARG B 494 26.43 18.15 19.29
C ARG B 494 26.53 16.91 18.40
N ILE B 495 27.58 16.85 17.58
CA ILE B 495 27.80 15.63 16.80
C ILE B 495 28.93 14.83 17.45
N LEU B 496 28.55 13.72 18.08
CA LEU B 496 29.48 12.98 18.90
C LEU B 496 29.97 11.73 18.18
N LEU B 497 31.28 11.51 18.20
CA LEU B 497 31.88 10.28 17.72
C LEU B 497 31.81 9.27 18.85
N VAL B 498 31.19 8.12 18.60
CA VAL B 498 30.97 7.13 19.65
C VAL B 498 32.22 6.29 19.92
N GLU B 499 32.64 6.25 21.18
CA GLU B 499 33.80 5.48 21.62
C GLU B 499 33.38 4.30 22.48
#